data_1TUL
# 
_entry.id   1TUL 
# 
_audit_conform.dict_name       mmcif_pdbx.dic 
_audit_conform.dict_version    5.386 
_audit_conform.dict_location   http://mmcif.pdb.org/dictionaries/ascii/mmcif_pdbx.dic 
# 
loop_
_database_2.database_id 
_database_2.database_code 
_database_2.pdbx_database_accession 
_database_2.pdbx_DOI 
PDB   1TUL         pdb_00001tul 10.2210/pdb1tul/pdb 
WWPDB D_1000176860 ?            ?                   
# 
loop_
_pdbx_audit_revision_history.ordinal 
_pdbx_audit_revision_history.data_content_type 
_pdbx_audit_revision_history.major_revision 
_pdbx_audit_revision_history.minor_revision 
_pdbx_audit_revision_history.revision_date 
1 'Structure model' 1 0 1997-02-17 
2 'Structure model' 1 1 2008-03-24 
3 'Structure model' 1 2 2011-07-13 
4 'Structure model' 1 3 2024-02-14 
# 
_pdbx_audit_revision_details.ordinal             1 
_pdbx_audit_revision_details.revision_ordinal    1 
_pdbx_audit_revision_details.data_content_type   'Structure model' 
_pdbx_audit_revision_details.provider            repository 
_pdbx_audit_revision_details.type                'Initial release' 
_pdbx_audit_revision_details.description         ? 
_pdbx_audit_revision_details.details             ? 
# 
loop_
_pdbx_audit_revision_group.ordinal 
_pdbx_audit_revision_group.revision_ordinal 
_pdbx_audit_revision_group.data_content_type 
_pdbx_audit_revision_group.group 
1 2 'Structure model' 'Version format compliance' 
2 3 'Structure model' 'Derived calculations'      
3 3 'Structure model' 'Version format compliance' 
4 4 'Structure model' 'Data collection'           
5 4 'Structure model' 'Database references'       
6 4 'Structure model' Other                       
# 
loop_
_pdbx_audit_revision_category.ordinal 
_pdbx_audit_revision_category.revision_ordinal 
_pdbx_audit_revision_category.data_content_type 
_pdbx_audit_revision_category.category 
1 4 'Structure model' chem_comp_atom       
2 4 'Structure model' chem_comp_bond       
3 4 'Structure model' database_2           
4 4 'Structure model' pdbx_database_status 
5 4 'Structure model' struct_ref_seq_dif   
# 
loop_
_pdbx_audit_revision_item.ordinal 
_pdbx_audit_revision_item.revision_ordinal 
_pdbx_audit_revision_item.data_content_type 
_pdbx_audit_revision_item.item 
1 4 'Structure model' '_database_2.pdbx_DOI'                
2 4 'Structure model' '_database_2.pdbx_database_accession' 
3 4 'Structure model' '_pdbx_database_status.process_site'  
4 4 'Structure model' '_struct_ref_seq_dif.details'         
# 
_pdbx_database_status.status_code                     REL 
_pdbx_database_status.entry_id                        1TUL 
_pdbx_database_status.recvd_initial_deposition_date   1996-08-17 
_pdbx_database_status.deposit_site                    ? 
_pdbx_database_status.process_site                    BNL 
_pdbx_database_status.status_code_sf                  REL 
_pdbx_database_status.status_code_mr                  ? 
_pdbx_database_status.SG_entry                        ? 
_pdbx_database_status.pdb_format_compatible           Y 
_pdbx_database_status.status_code_cs                  ? 
_pdbx_database_status.status_code_nmr_data            ? 
_pdbx_database_status.methods_development_category    ? 
# 
loop_
_audit_author.name 
_audit_author.pdbx_ordinal 
'Rayment, I.'  1 
'Holden, H.M.' 2 
# 
_citation.id                        primary 
_citation.title                     'Molecular structure of a proteolytic fragment of TLP20.' 
_citation.journal_abbrev            'Acta Crystallogr.,Sect.D' 
_citation.journal_volume            52 
_citation.page_first                1153 
_citation.page_last                 1160 
_citation.year                      1996 
_citation.journal_id_ASTM           ABCRE6 
_citation.country                   DK 
_citation.journal_id_ISSN           0907-4449 
_citation.journal_id_CSD            0766 
_citation.book_publisher            ? 
_citation.pdbx_database_id_PubMed   15299576 
_citation.pdbx_database_id_DOI      10.1107/S0907444996008128 
# 
loop_
_citation_author.citation_id 
_citation_author.name 
_citation_author.ordinal 
_citation_author.identifier_ORCID 
primary 'Holden, H.M.'     1 ? 
primary 'Wesenberg, G.'    2 ? 
primary 'Raynes, D.A.'     3 ? 
primary 'Hartshorne, D.J.' 4 ? 
primary 'Guerriero, V.'    5 ? 
primary 'Rayment, I.'      6 ? 
# 
loop_
_entity.id 
_entity.type 
_entity.src_method 
_entity.pdbx_description 
_entity.formula_weight 
_entity.pdbx_number_of_molecules 
_entity.pdbx_ec 
_entity.pdbx_mutation 
_entity.pdbx_fragment 
_entity.details 
1 polymer nat TLP20 12179.949 1  ? ? ? ? 
2 water   nat water 18.015    40 ? ? ? ? 
# 
_entity_poly.entity_id                      1 
_entity_poly.type                           'polypeptide(L)' 
_entity_poly.nstd_linkage                   no 
_entity_poly.nstd_monomer                   no 
_entity_poly.pdbx_seq_one_letter_code       
;MASMSNGTPDIIVNAQINSEDENVLDFIIEDEYYLKKRGVGAHIIKVASSPQLRLLYKNAYSTVSCGNYGVLCNLVQNGE
YDLNAIMFNCAEIKLNKGQMLFQTKIWR
;
_entity_poly.pdbx_seq_one_letter_code_can   
;MASMSNGTPDIIVNAQINSEDENVLDFIIEDEYYLKKRGVGAHIIKVASSPQLRLLYKNAYSTVSCGNYGVLCNLVQNGE
YDLNAIMFNCAEIKLNKGQMLFQTKIWR
;
_entity_poly.pdbx_strand_id                 A 
_entity_poly.pdbx_target_identifier         ? 
# 
_pdbx_entity_nonpoly.entity_id   2 
_pdbx_entity_nonpoly.name        water 
_pdbx_entity_nonpoly.comp_id     HOH 
# 
loop_
_entity_poly_seq.entity_id 
_entity_poly_seq.num 
_entity_poly_seq.mon_id 
_entity_poly_seq.hetero 
1 1   MET n 
1 2   ALA n 
1 3   SER n 
1 4   MET n 
1 5   SER n 
1 6   ASN n 
1 7   GLY n 
1 8   THR n 
1 9   PRO n 
1 10  ASP n 
1 11  ILE n 
1 12  ILE n 
1 13  VAL n 
1 14  ASN n 
1 15  ALA n 
1 16  GLN n 
1 17  ILE n 
1 18  ASN n 
1 19  SER n 
1 20  GLU n 
1 21  ASP n 
1 22  GLU n 
1 23  ASN n 
1 24  VAL n 
1 25  LEU n 
1 26  ASP n 
1 27  PHE n 
1 28  ILE n 
1 29  ILE n 
1 30  GLU n 
1 31  ASP n 
1 32  GLU n 
1 33  TYR n 
1 34  TYR n 
1 35  LEU n 
1 36  LYS n 
1 37  LYS n 
1 38  ARG n 
1 39  GLY n 
1 40  VAL n 
1 41  GLY n 
1 42  ALA n 
1 43  HIS n 
1 44  ILE n 
1 45  ILE n 
1 46  LYS n 
1 47  VAL n 
1 48  ALA n 
1 49  SER n 
1 50  SER n 
1 51  PRO n 
1 52  GLN n 
1 53  LEU n 
1 54  ARG n 
1 55  LEU n 
1 56  LEU n 
1 57  TYR n 
1 58  LYS n 
1 59  ASN n 
1 60  ALA n 
1 61  TYR n 
1 62  SER n 
1 63  THR n 
1 64  VAL n 
1 65  SER n 
1 66  CYS n 
1 67  GLY n 
1 68  ASN n 
1 69  TYR n 
1 70  GLY n 
1 71  VAL n 
1 72  LEU n 
1 73  CYS n 
1 74  ASN n 
1 75  LEU n 
1 76  VAL n 
1 77  GLN n 
1 78  ASN n 
1 79  GLY n 
1 80  GLU n 
1 81  TYR n 
1 82  ASP n 
1 83  LEU n 
1 84  ASN n 
1 85  ALA n 
1 86  ILE n 
1 87  MET n 
1 88  PHE n 
1 89  ASN n 
1 90  CYS n 
1 91  ALA n 
1 92  GLU n 
1 93  ILE n 
1 94  LYS n 
1 95  LEU n 
1 96  ASN n 
1 97  LYS n 
1 98  GLY n 
1 99  GLN n 
1 100 MET n 
1 101 LEU n 
1 102 PHE n 
1 103 GLN n 
1 104 THR n 
1 105 LYS n 
1 106 ILE n 
1 107 TRP n 
1 108 ARG n 
# 
_entity_src_nat.entity_id                  1 
_entity_src_nat.pdbx_src_id                1 
_entity_src_nat.pdbx_alt_source_flag       sample 
_entity_src_nat.pdbx_beg_seq_num           ? 
_entity_src_nat.pdbx_end_seq_num           ? 
_entity_src_nat.common_name                ? 
_entity_src_nat.pdbx_organism_scientific   'Autographa californica nucleopolyhedrovirus' 
_entity_src_nat.pdbx_ncbi_taxonomy_id      46015 
_entity_src_nat.genus                      Nucleopolyhedrovirus 
_entity_src_nat.species                    ? 
_entity_src_nat.strain                     ? 
_entity_src_nat.tissue                     ? 
_entity_src_nat.tissue_fraction            ? 
_entity_src_nat.pdbx_secretion             ? 
_entity_src_nat.pdbx_fragment              ? 
_entity_src_nat.pdbx_variant               ? 
_entity_src_nat.pdbx_cell_line             ? 
_entity_src_nat.pdbx_atcc                  ? 
_entity_src_nat.pdbx_cellular_location     ? 
_entity_src_nat.pdbx_organ                 ? 
_entity_src_nat.pdbx_organelle             ? 
_entity_src_nat.pdbx_cell                  ? 
_entity_src_nat.pdbx_plasmid_name          ? 
_entity_src_nat.pdbx_plasmid_details       ? 
_entity_src_nat.details                    ? 
# 
loop_
_chem_comp.id 
_chem_comp.type 
_chem_comp.mon_nstd_flag 
_chem_comp.name 
_chem_comp.pdbx_synonyms 
_chem_comp.formula 
_chem_comp.formula_weight 
ALA 'L-peptide linking' y ALANINE         ? 'C3 H7 N O2'     89.093  
ARG 'L-peptide linking' y ARGININE        ? 'C6 H15 N4 O2 1' 175.209 
ASN 'L-peptide linking' y ASPARAGINE      ? 'C4 H8 N2 O3'    132.118 
ASP 'L-peptide linking' y 'ASPARTIC ACID' ? 'C4 H7 N O4'     133.103 
CYS 'L-peptide linking' y CYSTEINE        ? 'C3 H7 N O2 S'   121.158 
GLN 'L-peptide linking' y GLUTAMINE       ? 'C5 H10 N2 O3'   146.144 
GLU 'L-peptide linking' y 'GLUTAMIC ACID' ? 'C5 H9 N O4'     147.129 
GLY 'peptide linking'   y GLYCINE         ? 'C2 H5 N O2'     75.067  
HIS 'L-peptide linking' y HISTIDINE       ? 'C6 H10 N3 O2 1' 156.162 
HOH non-polymer         . WATER           ? 'H2 O'           18.015  
ILE 'L-peptide linking' y ISOLEUCINE      ? 'C6 H13 N O2'    131.173 
LEU 'L-peptide linking' y LEUCINE         ? 'C6 H13 N O2'    131.173 
LYS 'L-peptide linking' y LYSINE          ? 'C6 H15 N2 O2 1' 147.195 
MET 'L-peptide linking' y METHIONINE      ? 'C5 H11 N O2 S'  149.211 
PHE 'L-peptide linking' y PHENYLALANINE   ? 'C9 H11 N O2'    165.189 
PRO 'L-peptide linking' y PROLINE         ? 'C5 H9 N O2'     115.130 
SER 'L-peptide linking' y SERINE          ? 'C3 H7 N O3'     105.093 
THR 'L-peptide linking' y THREONINE       ? 'C4 H9 N O3'     119.119 
TRP 'L-peptide linking' y TRYPTOPHAN      ? 'C11 H12 N2 O2'  204.225 
TYR 'L-peptide linking' y TYROSINE        ? 'C9 H11 N O3'    181.189 
VAL 'L-peptide linking' y VALINE          ? 'C5 H11 N O2'    117.146 
# 
loop_
_pdbx_poly_seq_scheme.asym_id 
_pdbx_poly_seq_scheme.entity_id 
_pdbx_poly_seq_scheme.seq_id 
_pdbx_poly_seq_scheme.mon_id 
_pdbx_poly_seq_scheme.ndb_seq_num 
_pdbx_poly_seq_scheme.pdb_seq_num 
_pdbx_poly_seq_scheme.auth_seq_num 
_pdbx_poly_seq_scheme.pdb_mon_id 
_pdbx_poly_seq_scheme.auth_mon_id 
_pdbx_poly_seq_scheme.pdb_strand_id 
_pdbx_poly_seq_scheme.pdb_ins_code 
_pdbx_poly_seq_scheme.hetero 
A 1 1   MET 1   1   ?   ?   ?   A . n 
A 1 2   ALA 2   2   ?   ?   ?   A . n 
A 1 3   SER 3   3   ?   ?   ?   A . n 
A 1 4   MET 4   4   ?   ?   ?   A . n 
A 1 5   SER 5   5   ?   ?   ?   A . n 
A 1 6   ASN 6   6   ?   ?   ?   A . n 
A 1 7   GLY 7   7   7   GLY GLY A . n 
A 1 8   THR 8   8   8   THR THR A . n 
A 1 9   PRO 9   9   9   PRO PRO A . n 
A 1 10  ASP 10  10  10  ASP ASP A . n 
A 1 11  ILE 11  11  11  ILE ILE A . n 
A 1 12  ILE 12  12  12  ILE ILE A . n 
A 1 13  VAL 13  13  13  VAL VAL A . n 
A 1 14  ASN 14  14  14  ASN ASN A . n 
A 1 15  ALA 15  15  15  ALA ALA A . n 
A 1 16  GLN 16  16  16  GLN GLN A . n 
A 1 17  ILE 17  17  17  ILE ILE A . n 
A 1 18  ASN 18  18  18  ASN ASN A . n 
A 1 19  SER 19  19  19  SER SER A . n 
A 1 20  GLU 20  20  20  GLU GLU A . n 
A 1 21  ASP 21  21  21  ASP ASP A . n 
A 1 22  GLU 22  22  22  GLU GLU A . n 
A 1 23  ASN 23  23  23  ASN ASN A . n 
A 1 24  VAL 24  24  24  VAL VAL A . n 
A 1 25  LEU 25  25  25  LEU LEU A . n 
A 1 26  ASP 26  26  26  ASP ASP A . n 
A 1 27  PHE 27  27  27  PHE PHE A . n 
A 1 28  ILE 28  28  28  ILE ILE A . n 
A 1 29  ILE 29  29  29  ILE ILE A . n 
A 1 30  GLU 30  30  30  GLU GLU A . n 
A 1 31  ASP 31  31  31  ASP ASP A . n 
A 1 32  GLU 32  32  32  GLU GLU A . n 
A 1 33  TYR 33  33  33  TYR TYR A . n 
A 1 34  TYR 34  34  34  TYR TYR A . n 
A 1 35  LEU 35  35  35  LEU LEU A . n 
A 1 36  LYS 36  36  36  LYS LYS A . n 
A 1 37  LYS 37  37  37  LYS LYS A . n 
A 1 38  ARG 38  38  38  ARG ARG A . n 
A 1 39  GLY 39  39  39  GLY GLY A . n 
A 1 40  VAL 40  40  40  VAL VAL A . n 
A 1 41  GLY 41  41  41  GLY GLY A . n 
A 1 42  ALA 42  42  42  ALA ALA A . n 
A 1 43  HIS 43  43  43  HIS HIS A . n 
A 1 44  ILE 44  44  44  ILE ILE A . n 
A 1 45  ILE 45  45  45  ILE ILE A . n 
A 1 46  LYS 46  46  46  LYS LYS A . n 
A 1 47  VAL 47  47  47  VAL VAL A . n 
A 1 48  ALA 48  48  48  ALA ALA A . n 
A 1 49  SER 49  49  49  SER SER A . n 
A 1 50  SER 50  50  50  SER SER A . n 
A 1 51  PRO 51  51  51  PRO PRO A . n 
A 1 52  GLN 52  52  52  GLN GLN A . n 
A 1 53  LEU 53  53  53  LEU LEU A . n 
A 1 54  ARG 54  54  54  ARG ARG A . n 
A 1 55  LEU 55  55  55  LEU LEU A . n 
A 1 56  LEU 56  56  56  LEU LEU A . n 
A 1 57  TYR 57  57  57  TYR TYR A . n 
A 1 58  LYS 58  58  58  LYS LYS A . n 
A 1 59  ASN 59  59  59  ASN ASN A . n 
A 1 60  ALA 60  60  60  ALA ALA A . n 
A 1 61  TYR 61  61  61  TYR TYR A . n 
A 1 62  SER 62  62  62  SER SER A . n 
A 1 63  THR 63  63  63  THR THR A . n 
A 1 64  VAL 64  64  64  VAL VAL A . n 
A 1 65  SER 65  65  65  SER SER A . n 
A 1 66  CYS 66  66  66  CYS CYS A . n 
A 1 67  GLY 67  67  67  GLY GLY A . n 
A 1 68  ASN 68  68  68  ASN ASN A . n 
A 1 69  TYR 69  69  69  TYR TYR A . n 
A 1 70  GLY 70  70  70  GLY GLY A . n 
A 1 71  VAL 71  71  71  VAL VAL A . n 
A 1 72  LEU 72  72  72  LEU LEU A . n 
A 1 73  CYS 73  73  73  CYS CYS A . n 
A 1 74  ASN 74  74  74  ASN ASN A . n 
A 1 75  LEU 75  75  75  LEU LEU A . n 
A 1 76  VAL 76  76  76  VAL VAL A . n 
A 1 77  GLN 77  77  77  GLN GLN A . n 
A 1 78  ASN 78  78  78  ASN ASN A . n 
A 1 79  GLY 79  79  79  GLY GLY A . n 
A 1 80  GLU 80  80  80  GLU GLU A . n 
A 1 81  TYR 81  81  81  TYR TYR A . n 
A 1 82  ASP 82  82  82  ASP ASP A . n 
A 1 83  LEU 83  83  83  LEU LEU A . n 
A 1 84  ASN 84  84  84  ASN ASN A . n 
A 1 85  ALA 85  85  85  ALA ALA A . n 
A 1 86  ILE 86  86  86  ILE ILE A . n 
A 1 87  MET 87  87  87  MET MET A . n 
A 1 88  PHE 88  88  88  PHE PHE A . n 
A 1 89  ASN 89  89  89  ASN ASN A . n 
A 1 90  CYS 90  90  90  CYS CYS A . n 
A 1 91  ALA 91  91  91  ALA ALA A . n 
A 1 92  GLU 92  92  92  GLU GLU A . n 
A 1 93  ILE 93  93  93  ILE ILE A . n 
A 1 94  LYS 94  94  94  LYS LYS A . n 
A 1 95  LEU 95  95  95  LEU LEU A . n 
A 1 96  ASN 96  96  96  ASN ASN A . n 
A 1 97  LYS 97  97  97  LYS LYS A . n 
A 1 98  GLY 98  98  98  GLY GLY A . n 
A 1 99  GLN 99  99  99  GLN GLN A . n 
A 1 100 MET 100 100 100 MET MET A . n 
A 1 101 LEU 101 101 101 LEU LEU A . n 
A 1 102 PHE 102 102 102 PHE PHE A . n 
A 1 103 GLN 103 103 103 GLN GLN A . n 
A 1 104 THR 104 104 104 THR THR A . n 
A 1 105 LYS 105 105 105 LYS LYS A . n 
A 1 106 ILE 106 106 106 ILE ILE A . n 
A 1 107 TRP 107 107 107 TRP TRP A . n 
A 1 108 ARG 108 108 108 ARG ARG A . n 
# 
loop_
_pdbx_nonpoly_scheme.asym_id 
_pdbx_nonpoly_scheme.entity_id 
_pdbx_nonpoly_scheme.mon_id 
_pdbx_nonpoly_scheme.ndb_seq_num 
_pdbx_nonpoly_scheme.pdb_seq_num 
_pdbx_nonpoly_scheme.auth_seq_num 
_pdbx_nonpoly_scheme.pdb_mon_id 
_pdbx_nonpoly_scheme.auth_mon_id 
_pdbx_nonpoly_scheme.pdb_strand_id 
_pdbx_nonpoly_scheme.pdb_ins_code 
B 2 HOH 1  109 1  HOH HOH A . 
B 2 HOH 2  110 2  HOH HOH A . 
B 2 HOH 3  111 3  HOH HOH A . 
B 2 HOH 4  112 4  HOH HOH A . 
B 2 HOH 5  113 5  HOH HOH A . 
B 2 HOH 6  114 6  HOH HOH A . 
B 2 HOH 7  115 7  HOH HOH A . 
B 2 HOH 8  116 8  HOH HOH A . 
B 2 HOH 9  117 9  HOH HOH A . 
B 2 HOH 10 118 10 HOH HOH A . 
B 2 HOH 11 119 11 HOH HOH A . 
B 2 HOH 12 120 12 HOH HOH A . 
B 2 HOH 13 121 13 HOH HOH A . 
B 2 HOH 14 122 14 HOH HOH A . 
B 2 HOH 15 123 15 HOH HOH A . 
B 2 HOH 16 124 16 HOH HOH A . 
B 2 HOH 17 125 17 HOH HOH A . 
B 2 HOH 18 126 18 HOH HOH A . 
B 2 HOH 19 127 19 HOH HOH A . 
B 2 HOH 20 128 20 HOH HOH A . 
B 2 HOH 21 129 21 HOH HOH A . 
B 2 HOH 22 130 22 HOH HOH A . 
B 2 HOH 23 131 23 HOH HOH A . 
B 2 HOH 24 132 24 HOH HOH A . 
B 2 HOH 25 133 25 HOH HOH A . 
B 2 HOH 26 134 26 HOH HOH A . 
B 2 HOH 27 135 27 HOH HOH A . 
B 2 HOH 28 136 28 HOH HOH A . 
B 2 HOH 29 137 29 HOH HOH A . 
B 2 HOH 30 138 30 HOH HOH A . 
B 2 HOH 31 139 31 HOH HOH A . 
B 2 HOH 32 140 32 HOH HOH A . 
B 2 HOH 33 141 33 HOH HOH A . 
B 2 HOH 34 142 34 HOH HOH A . 
B 2 HOH 35 143 35 HOH HOH A . 
B 2 HOH 36 144 36 HOH HOH A . 
B 2 HOH 37 145 37 HOH HOH A . 
B 2 HOH 38 146 38 HOH HOH A . 
B 2 HOH 39 147 39 HOH HOH A . 
B 2 HOH 40 148 40 HOH HOH A . 
# 
loop_
_software.name 
_software.classification 
_software.version 
_software.citation_id 
_software.pdbx_ordinal 
TNT refinement       . ? 1 
XDS 'data reduction' . ? 2 
# 
_cell.entry_id           1TUL 
_cell.length_a           76.300 
_cell.length_b           76.300 
_cell.length_c           76.300 
_cell.angle_alpha        90.00 
_cell.angle_beta         90.00 
_cell.angle_gamma        90.00 
_cell.Z_PDB              12 
_cell.pdbx_unique_axis   ? 
# 
_symmetry.entry_id                         1TUL 
_symmetry.space_group_name_H-M             'P 21 3' 
_symmetry.pdbx_full_space_group_name_H-M   ? 
_symmetry.cell_setting                     ? 
_symmetry.Int_Tables_number                198 
# 
_exptl.entry_id          1TUL 
_exptl.method            'X-RAY DIFFRACTION' 
_exptl.crystals_number   ? 
# 
_exptl_crystal.id                    1 
_exptl_crystal.density_meas          ? 
_exptl_crystal.density_Matthews      3.04 
_exptl_crystal.density_percent_sol   59.52 
_exptl_crystal.description           ? 
# 
_diffrn.id                     1 
_diffrn.ambient_temp           ? 
_diffrn.ambient_temp_details   ? 
_diffrn.crystal_id             1 
# 
_diffrn_detector.diffrn_id              1 
_diffrn_detector.detector               ? 
_diffrn_detector.type                   SIEMENS 
_diffrn_detector.pdbx_collection_date   1992-09 
_diffrn_detector.details                ? 
# 
_diffrn_radiation.diffrn_id                        1 
_diffrn_radiation.wavelength_id                    1 
_diffrn_radiation.pdbx_monochromatic_or_laue_m_l   M 
_diffrn_radiation.monochromator                    ? 
_diffrn_radiation.pdbx_diffrn_protocol             ? 
_diffrn_radiation.pdbx_scattering_type             x-ray 
# 
_diffrn_radiation_wavelength.id           1 
_diffrn_radiation_wavelength.wavelength   1.5418 
_diffrn_radiation_wavelength.wt           1.0 
# 
_diffrn_source.diffrn_id                   1 
_diffrn_source.source                      ? 
_diffrn_source.type                        ? 
_diffrn_source.pdbx_synchrotron_site       ? 
_diffrn_source.pdbx_synchrotron_beamline   ? 
_diffrn_source.pdbx_wavelength             1.5418 
_diffrn_source.pdbx_wavelength_list        ? 
# 
_reflns.entry_id                     1TUL 
_reflns.observed_criterion_sigma_I   0.0 
_reflns.observed_criterion_sigma_F   ? 
_reflns.d_resolution_low             ? 
_reflns.d_resolution_high            ? 
_reflns.number_obs                   36733 
_reflns.number_all                   ? 
_reflns.percent_possible_obs         99.8 
_reflns.pdbx_Rmerge_I_obs            0.0480000 
_reflns.pdbx_Rsym_value              ? 
_reflns.pdbx_netI_over_sigmaI        ? 
_reflns.B_iso_Wilson_estimate        ? 
_reflns.pdbx_redundancy              4.7 
_reflns.pdbx_ordinal                 1 
_reflns.pdbx_diffrn_id               1 
# 
_refine.entry_id                                 1TUL 
_refine.ls_number_reflns_obs                     7727 
_refine.ls_number_reflns_all                     ? 
_refine.pdbx_ls_sigma_I                          ? 
_refine.pdbx_ls_sigma_F                          0.0 
_refine.pdbx_data_cutoff_high_absF               ? 
_refine.pdbx_data_cutoff_low_absF                ? 
_refine.pdbx_data_cutoff_high_rms_absF           ? 
_refine.ls_d_res_low                             30. 
_refine.ls_d_res_high                            2.2 
_refine.ls_percent_reflns_obs                    99.8 
_refine.ls_R_factor_obs                          ? 
_refine.ls_R_factor_all                          ? 
_refine.ls_R_factor_R_work                       0.1810000 
_refine.ls_R_factor_R_free                       ? 
_refine.ls_R_factor_R_free_error                 ? 
_refine.ls_R_factor_R_free_error_details         ? 
_refine.ls_percent_reflns_R_free                 ? 
_refine.ls_number_reflns_R_free                  ? 
_refine.ls_number_parameters                     ? 
_refine.ls_number_restraints                     ? 
_refine.occupancy_min                            ? 
_refine.occupancy_max                            ? 
_refine.B_iso_mean                               ? 
_refine.aniso_B[1][1]                            ? 
_refine.aniso_B[2][2]                            ? 
_refine.aniso_B[3][3]                            ? 
_refine.aniso_B[1][2]                            ? 
_refine.aniso_B[1][3]                            ? 
_refine.aniso_B[2][3]                            ? 
_refine.solvent_model_details                    ? 
_refine.solvent_model_param_ksol                 ? 
_refine.solvent_model_param_bsol                 ? 
_refine.pdbx_ls_cross_valid_method               ? 
_refine.details                                  'TNT MEAN B (A**2) :24.9 (BACKBONE) PLANAR 1-4 DISTANCE :.004' 
_refine.pdbx_starting_model                      ? 
_refine.pdbx_method_to_determine_struct          ? 
_refine.pdbx_isotropic_thermal_model             ? 
_refine.pdbx_stereochemistry_target_values       ? 
_refine.pdbx_stereochem_target_val_spec_case     ? 
_refine.pdbx_R_Free_selection_details            ? 
_refine.pdbx_overall_ESU_R                       ? 
_refine.pdbx_overall_ESU_R_Free                  ? 
_refine.overall_SU_ML                            ? 
_refine.overall_SU_B                             ? 
_refine.pdbx_refine_id                           'X-RAY DIFFRACTION' 
_refine.pdbx_diffrn_id                           1 
_refine.pdbx_TLS_residual_ADP_flag               ? 
_refine.correlation_coeff_Fo_to_Fc               ? 
_refine.correlation_coeff_Fo_to_Fc_free          ? 
_refine.pdbx_solvent_vdw_probe_radii             ? 
_refine.pdbx_solvent_ion_probe_radii             ? 
_refine.pdbx_solvent_shrinkage_radii             ? 
_refine.pdbx_overall_phase_error                 ? 
_refine.overall_SU_R_Cruickshank_DPI             ? 
_refine.pdbx_overall_SU_R_free_Cruickshank_DPI   ? 
_refine.pdbx_overall_SU_R_Blow_DPI               ? 
_refine.pdbx_overall_SU_R_free_Blow_DPI          ? 
# 
_refine_hist.pdbx_refine_id                   'X-RAY DIFFRACTION' 
_refine_hist.cycle_id                         LAST 
_refine_hist.pdbx_number_atoms_protein        811 
_refine_hist.pdbx_number_atoms_nucleic_acid   0 
_refine_hist.pdbx_number_atoms_ligand         0 
_refine_hist.number_atoms_solvent             40 
_refine_hist.number_atoms_total               851 
_refine_hist.d_res_high                       2.2 
_refine_hist.d_res_low                        30. 
# 
loop_
_refine_ls_restr.type 
_refine_ls_restr.dev_ideal 
_refine_ls_restr.dev_ideal_target 
_refine_ls_restr.weight 
_refine_ls_restr.number 
_refine_ls_restr.pdbx_refine_id 
_refine_ls_restr.pdbx_restraint_function 
t_bond_d           0.014 ? ? ? 'X-RAY DIFFRACTION' ? 
t_angle_deg        1.93  ? ? ? 'X-RAY DIFFRACTION' ? 
t_dihedral_angle_d ?     ? ? ? 'X-RAY DIFFRACTION' ? 
t_incorr_chiral_ct ?     ? ? ? 'X-RAY DIFFRACTION' ? 
t_pseud_angle      ?     ? ? ? 'X-RAY DIFFRACTION' ? 
t_trig_c_planes    ?     ? ? ? 'X-RAY DIFFRACTION' ? 
t_gen_planes       ?     ? ? ? 'X-RAY DIFFRACTION' ? 
t_it               ?     ? ? ? 'X-RAY DIFFRACTION' ? 
t_nbd              ?     ? ? ? 'X-RAY DIFFRACTION' ? 
# 
_pdbx_refine.entry_id                                    1TUL 
_pdbx_refine.R_factor_all_no_cutoff                      ? 
_pdbx_refine.R_factor_obs_no_cutoff                      0.1810000 
_pdbx_refine.free_R_factor_no_cutoff                     ? 
_pdbx_refine.free_R_val_test_set_size_perc_no_cutoff     ? 
_pdbx_refine.free_R_val_test_set_ct_no_cutoff            ? 
_pdbx_refine.R_factor_all_4sig_cutoff                    ? 
_pdbx_refine.R_factor_obs_4sig_cutoff                    ? 
_pdbx_refine.free_R_factor_4sig_cutoff                   ? 
_pdbx_refine.free_R_val_test_set_size_perc_4sig_cutoff   ? 
_pdbx_refine.free_R_val_test_set_ct_4sig_cutoff          ? 
_pdbx_refine.number_reflns_obs_4sig_cutoff               ? 
_pdbx_refine.pdbx_refine_id                              'X-RAY DIFFRACTION' 
_pdbx_refine.free_R_error_no_cutoff                      ? 
# 
_struct.entry_id                  1TUL 
_struct.title                     'STRUCTURE OF TLP20' 
_struct.pdbx_model_details        ? 
_struct.pdbx_CASP_flag            ? 
_struct.pdbx_model_type_details   ? 
# 
_struct_keywords.entry_id        1TUL 
_struct_keywords.pdbx_keywords   'TELOKIN-LIKE PROTEIN' 
_struct_keywords.text            'TELOKIN-LIKE PROTEIN' 
# 
loop_
_struct_asym.id 
_struct_asym.pdbx_blank_PDB_chainid_flag 
_struct_asym.pdbx_modified 
_struct_asym.entity_id 
_struct_asym.details 
A N N 1 ? 
B N N 2 ? 
# 
_struct_ref.id                         1 
_struct_ref.db_name                    UNP 
_struct_ref.db_code                    TLP20_NPVAC 
_struct_ref.entity_id                  1 
_struct_ref.pdbx_db_accession          Q06691 
_struct_ref.pdbx_align_begin           1 
_struct_ref.pdbx_seq_one_letter_code   
;MASMSNITPDIIVNAQINSEDENVLDFIIEDEYYLKKRGVGAHIIKVASSPQLRLLYKNAYSTVSCGNYGVLCNLVQNGE
YDLNAIMFNCAEIKLNKGQMLFQTKIWRSDNSKTDAAVHTSSPKRTVETENDDDGEAASAAAIDEQEGNADVVGLDFEEN
IDDGDAPTPKKQKLDNAKQD
;
_struct_ref.pdbx_db_isoform            ? 
# 
_struct_ref_seq.align_id                      1 
_struct_ref_seq.ref_id                        1 
_struct_ref_seq.pdbx_PDB_id_code              1TUL 
_struct_ref_seq.pdbx_strand_id                A 
_struct_ref_seq.seq_align_beg                 1 
_struct_ref_seq.pdbx_seq_align_beg_ins_code   ? 
_struct_ref_seq.seq_align_end                 108 
_struct_ref_seq.pdbx_seq_align_end_ins_code   ? 
_struct_ref_seq.pdbx_db_accession             Q06691 
_struct_ref_seq.db_align_beg                  1 
_struct_ref_seq.pdbx_db_align_beg_ins_code    ? 
_struct_ref_seq.db_align_end                  108 
_struct_ref_seq.pdbx_db_align_end_ins_code    ? 
_struct_ref_seq.pdbx_auth_seq_align_beg       1 
_struct_ref_seq.pdbx_auth_seq_align_end       108 
# 
_struct_ref_seq_dif.align_id                     1 
_struct_ref_seq_dif.pdbx_pdb_id_code             1TUL 
_struct_ref_seq_dif.mon_id                       GLY 
_struct_ref_seq_dif.pdbx_pdb_strand_id           A 
_struct_ref_seq_dif.seq_num                      7 
_struct_ref_seq_dif.pdbx_pdb_ins_code            ? 
_struct_ref_seq_dif.pdbx_seq_db_name             UNP 
_struct_ref_seq_dif.pdbx_seq_db_accession_code   Q06691 
_struct_ref_seq_dif.db_mon_id                    ILE 
_struct_ref_seq_dif.pdbx_seq_db_seq_num          7 
_struct_ref_seq_dif.details                      conflict 
_struct_ref_seq_dif.pdbx_auth_seq_num            7 
_struct_ref_seq_dif.pdbx_ordinal                 1 
# 
_pdbx_struct_assembly.id                   1 
_pdbx_struct_assembly.details              author_and_software_defined_assembly 
_pdbx_struct_assembly.method_details       PISA,PQS 
_pdbx_struct_assembly.oligomeric_details   trimeric 
_pdbx_struct_assembly.oligomeric_count     3 
# 
loop_
_pdbx_struct_assembly_prop.biol_id 
_pdbx_struct_assembly_prop.type 
_pdbx_struct_assembly_prop.value 
_pdbx_struct_assembly_prop.details 
1 'ABSA (A^2)' 3760  ? 
1 MORE         -32   ? 
1 'SSA (A^2)'  14400 ? 
# 
_pdbx_struct_assembly_gen.assembly_id       1 
_pdbx_struct_assembly_gen.oper_expression   1,2,3 
_pdbx_struct_assembly_gen.asym_id_list      A,B 
# 
loop_
_pdbx_struct_oper_list.id 
_pdbx_struct_oper_list.type 
_pdbx_struct_oper_list.name 
_pdbx_struct_oper_list.symmetry_operation 
_pdbx_struct_oper_list.matrix[1][1] 
_pdbx_struct_oper_list.matrix[1][2] 
_pdbx_struct_oper_list.matrix[1][3] 
_pdbx_struct_oper_list.vector[1] 
_pdbx_struct_oper_list.matrix[2][1] 
_pdbx_struct_oper_list.matrix[2][2] 
_pdbx_struct_oper_list.matrix[2][3] 
_pdbx_struct_oper_list.vector[2] 
_pdbx_struct_oper_list.matrix[3][1] 
_pdbx_struct_oper_list.matrix[3][2] 
_pdbx_struct_oper_list.matrix[3][3] 
_pdbx_struct_oper_list.vector[3] 
1 'identity operation'         1_555  x,y,z             1.0000000000  0.0000000000  0.0000000000 0.0000000000   0.0000000000  1.0000000000  0.0000000000  0.0000000000  0.0000000000 0.0000000000  1.0000000000 0.0000000000  
2 'crystal symmetry operation' 7_564  -z+1/2,-x+1,y-1/2 -0.1398765135 0.8007576457  0.5824274666 -15.8583682926 -0.7048964993 -0.4936206886 0.5093717120  12.1455844499 0.6953815401 -0.3393019432 0.6334972021 8.0275315461  
3 'crystal symmetry operation' 10_655 -y+1,z+1/2,-x+1/2 -0.1398765135 -0.7048964993 0.6953815401 0.7609694449   0.8007576457  -0.4936206886 -0.3393019432 21.4177784708 0.5824274666 0.5093717120  0.6334972021 -2.0356866501  
# 
_struct_biol.id   1 
# 
_struct_conf.conf_type_id            HELX_P 
_struct_conf.id                      HELX_P1 
_struct_conf.pdbx_PDB_helix_id       1 
_struct_conf.beg_label_comp_id       PRO 
_struct_conf.beg_label_asym_id       A 
_struct_conf.beg_label_seq_id        51 
_struct_conf.pdbx_beg_PDB_ins_code   ? 
_struct_conf.end_label_comp_id       TYR 
_struct_conf.end_label_asym_id       A 
_struct_conf.end_label_seq_id        57 
_struct_conf.pdbx_end_PDB_ins_code   ? 
_struct_conf.beg_auth_comp_id        PRO 
_struct_conf.beg_auth_asym_id        A 
_struct_conf.beg_auth_seq_id         51 
_struct_conf.end_auth_comp_id        TYR 
_struct_conf.end_auth_asym_id        A 
_struct_conf.end_auth_seq_id         57 
_struct_conf.pdbx_PDB_helix_class    5 
_struct_conf.details                 ? 
_struct_conf.pdbx_PDB_helix_length   7 
# 
_struct_conf_type.id          HELX_P 
_struct_conf_type.criteria    ? 
_struct_conf_type.reference   ? 
# 
loop_
_struct_sheet.id 
_struct_sheet.type 
_struct_sheet.number_strands 
_struct_sheet.details 
A ? 7 ? 
B ? 2 ? 
# 
loop_
_struct_sheet_order.sheet_id 
_struct_sheet_order.range_id_1 
_struct_sheet_order.range_id_2 
_struct_sheet_order.offset 
_struct_sheet_order.sense 
A 1 2 ? anti-parallel 
A 2 3 ? anti-parallel 
A 3 4 ? anti-parallel 
A 4 5 ? parallel      
A 5 6 ? anti-parallel 
A 6 7 ? anti-parallel 
B 1 2 ? anti-parallel 
# 
loop_
_struct_sheet_range.sheet_id 
_struct_sheet_range.id 
_struct_sheet_range.beg_label_comp_id 
_struct_sheet_range.beg_label_asym_id 
_struct_sheet_range.beg_label_seq_id 
_struct_sheet_range.pdbx_beg_PDB_ins_code 
_struct_sheet_range.end_label_comp_id 
_struct_sheet_range.end_label_asym_id 
_struct_sheet_range.end_label_seq_id 
_struct_sheet_range.pdbx_end_PDB_ins_code 
_struct_sheet_range.beg_auth_comp_id 
_struct_sheet_range.beg_auth_asym_id 
_struct_sheet_range.beg_auth_seq_id 
_struct_sheet_range.end_auth_comp_id 
_struct_sheet_range.end_auth_asym_id 
_struct_sheet_range.end_auth_seq_id 
A 1 ALA A 60  ? SER A 65  ? ALA A 60  SER A 65  
A 2 MET A 100 ? TRP A 107 ? MET A 100 TRP A 107 
A 3 VAL A 24  ? ILE A 29  ? VAL A 24  ILE A 29  
A 4 ILE A 11  ? ILE A 17  ? ILE A 11  ILE A 17  
A 5 GLY A 41  ? VAL A 47  ? GLY A 41  VAL A 47  
A 6 ASN A 84  ? ASN A 89  ? ASN A 84  ASN A 89  
A 7 TYR A 69  ? ASN A 74  ? TYR A 69  ASN A 74  
B 1 TYR A 33  ? LEU A 35  ? TYR A 33  LEU A 35  
B 2 ILE A 93  ? LEU A 95  ? ILE A 93  LEU A 95  
# 
loop_
_pdbx_struct_sheet_hbond.sheet_id 
_pdbx_struct_sheet_hbond.range_id_1 
_pdbx_struct_sheet_hbond.range_id_2 
_pdbx_struct_sheet_hbond.range_1_label_atom_id 
_pdbx_struct_sheet_hbond.range_1_label_comp_id 
_pdbx_struct_sheet_hbond.range_1_label_asym_id 
_pdbx_struct_sheet_hbond.range_1_label_seq_id 
_pdbx_struct_sheet_hbond.range_1_PDB_ins_code 
_pdbx_struct_sheet_hbond.range_1_auth_atom_id 
_pdbx_struct_sheet_hbond.range_1_auth_comp_id 
_pdbx_struct_sheet_hbond.range_1_auth_asym_id 
_pdbx_struct_sheet_hbond.range_1_auth_seq_id 
_pdbx_struct_sheet_hbond.range_2_label_atom_id 
_pdbx_struct_sheet_hbond.range_2_label_comp_id 
_pdbx_struct_sheet_hbond.range_2_label_asym_id 
_pdbx_struct_sheet_hbond.range_2_label_seq_id 
_pdbx_struct_sheet_hbond.range_2_PDB_ins_code 
_pdbx_struct_sheet_hbond.range_2_auth_atom_id 
_pdbx_struct_sheet_hbond.range_2_auth_comp_id 
_pdbx_struct_sheet_hbond.range_2_auth_asym_id 
_pdbx_struct_sheet_hbond.range_2_auth_seq_id 
A 1 2 O ALA A 60  ? O ALA A 60  N TRP A 107 ? N TRP A 107 
A 2 3 O LEU A 101 ? O LEU A 101 N PHE A 27  ? N PHE A 27  
A 3 4 O ASP A 26  ? O ASP A 26  N GLN A 16  ? N GLN A 16  
A 4 5 O ILE A 11  ? O ILE A 11  N LYS A 46  ? N LYS A 46  
A 5 6 O GLY A 41  ? O GLY A 41  N ASN A 89  ? N ASN A 89  
A 6 7 O ASN A 84  ? O ASN A 84  N ASN A 74  ? N ASN A 74  
B 1 2 O TYR A 33  ? O TYR A 33  N LEU A 95  ? N LEU A 95  
# 
loop_
_pdbx_validate_symm_contact.id 
_pdbx_validate_symm_contact.PDB_model_num 
_pdbx_validate_symm_contact.auth_atom_id_1 
_pdbx_validate_symm_contact.auth_asym_id_1 
_pdbx_validate_symm_contact.auth_comp_id_1 
_pdbx_validate_symm_contact.auth_seq_id_1 
_pdbx_validate_symm_contact.PDB_ins_code_1 
_pdbx_validate_symm_contact.label_alt_id_1 
_pdbx_validate_symm_contact.site_symmetry_1 
_pdbx_validate_symm_contact.auth_atom_id_2 
_pdbx_validate_symm_contact.auth_asym_id_2 
_pdbx_validate_symm_contact.auth_comp_id_2 
_pdbx_validate_symm_contact.auth_seq_id_2 
_pdbx_validate_symm_contact.PDB_ins_code_2 
_pdbx_validate_symm_contact.label_alt_id_2 
_pdbx_validate_symm_contact.site_symmetry_2 
_pdbx_validate_symm_contact.dist 
1 1 O A HOH 144 ? ? 1_555 O A HOH 144 ? ? 7_564 0.72 
2 1 O A HOH 137 ? ? 1_555 O A HOH 137 ? ? 7_564 2.00 
# 
loop_
_pdbx_validate_rmsd_bond.id 
_pdbx_validate_rmsd_bond.PDB_model_num 
_pdbx_validate_rmsd_bond.auth_atom_id_1 
_pdbx_validate_rmsd_bond.auth_asym_id_1 
_pdbx_validate_rmsd_bond.auth_comp_id_1 
_pdbx_validate_rmsd_bond.auth_seq_id_1 
_pdbx_validate_rmsd_bond.PDB_ins_code_1 
_pdbx_validate_rmsd_bond.label_alt_id_1 
_pdbx_validate_rmsd_bond.auth_atom_id_2 
_pdbx_validate_rmsd_bond.auth_asym_id_2 
_pdbx_validate_rmsd_bond.auth_comp_id_2 
_pdbx_validate_rmsd_bond.auth_seq_id_2 
_pdbx_validate_rmsd_bond.PDB_ins_code_2 
_pdbx_validate_rmsd_bond.label_alt_id_2 
_pdbx_validate_rmsd_bond.bond_value 
_pdbx_validate_rmsd_bond.bond_target_value 
_pdbx_validate_rmsd_bond.bond_deviation 
_pdbx_validate_rmsd_bond.bond_standard_deviation 
_pdbx_validate_rmsd_bond.linker_flag 
1 1 CD A GLU 20 ? ? OE2 A GLU 20 ? ? 1.318 1.252 0.066 0.011 N 
2 1 CD A GLU 80 ? ? OE1 A GLU 80 ? ? 1.318 1.252 0.066 0.011 N 
3 1 CD A GLU 92 ? ? OE1 A GLU 92 ? ? 1.324 1.252 0.072 0.011 N 
# 
loop_
_pdbx_validate_rmsd_angle.id 
_pdbx_validate_rmsd_angle.PDB_model_num 
_pdbx_validate_rmsd_angle.auth_atom_id_1 
_pdbx_validate_rmsd_angle.auth_asym_id_1 
_pdbx_validate_rmsd_angle.auth_comp_id_1 
_pdbx_validate_rmsd_angle.auth_seq_id_1 
_pdbx_validate_rmsd_angle.PDB_ins_code_1 
_pdbx_validate_rmsd_angle.label_alt_id_1 
_pdbx_validate_rmsd_angle.auth_atom_id_2 
_pdbx_validate_rmsd_angle.auth_asym_id_2 
_pdbx_validate_rmsd_angle.auth_comp_id_2 
_pdbx_validate_rmsd_angle.auth_seq_id_2 
_pdbx_validate_rmsd_angle.PDB_ins_code_2 
_pdbx_validate_rmsd_angle.label_alt_id_2 
_pdbx_validate_rmsd_angle.auth_atom_id_3 
_pdbx_validate_rmsd_angle.auth_asym_id_3 
_pdbx_validate_rmsd_angle.auth_comp_id_3 
_pdbx_validate_rmsd_angle.auth_seq_id_3 
_pdbx_validate_rmsd_angle.PDB_ins_code_3 
_pdbx_validate_rmsd_angle.label_alt_id_3 
_pdbx_validate_rmsd_angle.angle_value 
_pdbx_validate_rmsd_angle.angle_target_value 
_pdbx_validate_rmsd_angle.angle_deviation 
_pdbx_validate_rmsd_angle.angle_standard_deviation 
_pdbx_validate_rmsd_angle.linker_flag 
1 1 CB A ASP 31 ? ? CG A ASP 31 ? ? OD1 A ASP 31 ? ? 112.25 118.30 -6.05 0.90 N 
2 1 CB A ASP 82 ? ? CG A ASP 82 ? ? OD1 A ASP 82 ? ? 112.72 118.30 -5.58 0.90 N 
# 
_pdbx_validate_torsion.id              1 
_pdbx_validate_torsion.PDB_model_num   1 
_pdbx_validate_torsion.auth_comp_id    ALA 
_pdbx_validate_torsion.auth_asym_id    A 
_pdbx_validate_torsion.auth_seq_id     91 
_pdbx_validate_torsion.PDB_ins_code    ? 
_pdbx_validate_torsion.label_alt_id    ? 
_pdbx_validate_torsion.phi             -113.40 
_pdbx_validate_torsion.psi             -159.49 
# 
loop_
_pdbx_unobs_or_zero_occ_residues.id 
_pdbx_unobs_or_zero_occ_residues.PDB_model_num 
_pdbx_unobs_or_zero_occ_residues.polymer_flag 
_pdbx_unobs_or_zero_occ_residues.occupancy_flag 
_pdbx_unobs_or_zero_occ_residues.auth_asym_id 
_pdbx_unobs_or_zero_occ_residues.auth_comp_id 
_pdbx_unobs_or_zero_occ_residues.auth_seq_id 
_pdbx_unobs_or_zero_occ_residues.PDB_ins_code 
_pdbx_unobs_or_zero_occ_residues.label_asym_id 
_pdbx_unobs_or_zero_occ_residues.label_comp_id 
_pdbx_unobs_or_zero_occ_residues.label_seq_id 
1 1 Y 1 A MET 1 ? A MET 1 
2 1 Y 1 A ALA 2 ? A ALA 2 
3 1 Y 1 A SER 3 ? A SER 3 
4 1 Y 1 A MET 4 ? A MET 4 
5 1 Y 1 A SER 5 ? A SER 5 
6 1 Y 1 A ASN 6 ? A ASN 6 
# 
loop_
_chem_comp_atom.comp_id 
_chem_comp_atom.atom_id 
_chem_comp_atom.type_symbol 
_chem_comp_atom.pdbx_aromatic_flag 
_chem_comp_atom.pdbx_stereo_config 
_chem_comp_atom.pdbx_ordinal 
ALA N    N N N 1   
ALA CA   C N S 2   
ALA C    C N N 3   
ALA O    O N N 4   
ALA CB   C N N 5   
ALA OXT  O N N 6   
ALA H    H N N 7   
ALA H2   H N N 8   
ALA HA   H N N 9   
ALA HB1  H N N 10  
ALA HB2  H N N 11  
ALA HB3  H N N 12  
ALA HXT  H N N 13  
ARG N    N N N 14  
ARG CA   C N S 15  
ARG C    C N N 16  
ARG O    O N N 17  
ARG CB   C N N 18  
ARG CG   C N N 19  
ARG CD   C N N 20  
ARG NE   N N N 21  
ARG CZ   C N N 22  
ARG NH1  N N N 23  
ARG NH2  N N N 24  
ARG OXT  O N N 25  
ARG H    H N N 26  
ARG H2   H N N 27  
ARG HA   H N N 28  
ARG HB2  H N N 29  
ARG HB3  H N N 30  
ARG HG2  H N N 31  
ARG HG3  H N N 32  
ARG HD2  H N N 33  
ARG HD3  H N N 34  
ARG HE   H N N 35  
ARG HH11 H N N 36  
ARG HH12 H N N 37  
ARG HH21 H N N 38  
ARG HH22 H N N 39  
ARG HXT  H N N 40  
ASN N    N N N 41  
ASN CA   C N S 42  
ASN C    C N N 43  
ASN O    O N N 44  
ASN CB   C N N 45  
ASN CG   C N N 46  
ASN OD1  O N N 47  
ASN ND2  N N N 48  
ASN OXT  O N N 49  
ASN H    H N N 50  
ASN H2   H N N 51  
ASN HA   H N N 52  
ASN HB2  H N N 53  
ASN HB3  H N N 54  
ASN HD21 H N N 55  
ASN HD22 H N N 56  
ASN HXT  H N N 57  
ASP N    N N N 58  
ASP CA   C N S 59  
ASP C    C N N 60  
ASP O    O N N 61  
ASP CB   C N N 62  
ASP CG   C N N 63  
ASP OD1  O N N 64  
ASP OD2  O N N 65  
ASP OXT  O N N 66  
ASP H    H N N 67  
ASP H2   H N N 68  
ASP HA   H N N 69  
ASP HB2  H N N 70  
ASP HB3  H N N 71  
ASP HD2  H N N 72  
ASP HXT  H N N 73  
CYS N    N N N 74  
CYS CA   C N R 75  
CYS C    C N N 76  
CYS O    O N N 77  
CYS CB   C N N 78  
CYS SG   S N N 79  
CYS OXT  O N N 80  
CYS H    H N N 81  
CYS H2   H N N 82  
CYS HA   H N N 83  
CYS HB2  H N N 84  
CYS HB3  H N N 85  
CYS HG   H N N 86  
CYS HXT  H N N 87  
GLN N    N N N 88  
GLN CA   C N S 89  
GLN C    C N N 90  
GLN O    O N N 91  
GLN CB   C N N 92  
GLN CG   C N N 93  
GLN CD   C N N 94  
GLN OE1  O N N 95  
GLN NE2  N N N 96  
GLN OXT  O N N 97  
GLN H    H N N 98  
GLN H2   H N N 99  
GLN HA   H N N 100 
GLN HB2  H N N 101 
GLN HB3  H N N 102 
GLN HG2  H N N 103 
GLN HG3  H N N 104 
GLN HE21 H N N 105 
GLN HE22 H N N 106 
GLN HXT  H N N 107 
GLU N    N N N 108 
GLU CA   C N S 109 
GLU C    C N N 110 
GLU O    O N N 111 
GLU CB   C N N 112 
GLU CG   C N N 113 
GLU CD   C N N 114 
GLU OE1  O N N 115 
GLU OE2  O N N 116 
GLU OXT  O N N 117 
GLU H    H N N 118 
GLU H2   H N N 119 
GLU HA   H N N 120 
GLU HB2  H N N 121 
GLU HB3  H N N 122 
GLU HG2  H N N 123 
GLU HG3  H N N 124 
GLU HE2  H N N 125 
GLU HXT  H N N 126 
GLY N    N N N 127 
GLY CA   C N N 128 
GLY C    C N N 129 
GLY O    O N N 130 
GLY OXT  O N N 131 
GLY H    H N N 132 
GLY H2   H N N 133 
GLY HA2  H N N 134 
GLY HA3  H N N 135 
GLY HXT  H N N 136 
HIS N    N N N 137 
HIS CA   C N S 138 
HIS C    C N N 139 
HIS O    O N N 140 
HIS CB   C N N 141 
HIS CG   C Y N 142 
HIS ND1  N Y N 143 
HIS CD2  C Y N 144 
HIS CE1  C Y N 145 
HIS NE2  N Y N 146 
HIS OXT  O N N 147 
HIS H    H N N 148 
HIS H2   H N N 149 
HIS HA   H N N 150 
HIS HB2  H N N 151 
HIS HB3  H N N 152 
HIS HD1  H N N 153 
HIS HD2  H N N 154 
HIS HE1  H N N 155 
HIS HE2  H N N 156 
HIS HXT  H N N 157 
HOH O    O N N 158 
HOH H1   H N N 159 
HOH H2   H N N 160 
ILE N    N N N 161 
ILE CA   C N S 162 
ILE C    C N N 163 
ILE O    O N N 164 
ILE CB   C N S 165 
ILE CG1  C N N 166 
ILE CG2  C N N 167 
ILE CD1  C N N 168 
ILE OXT  O N N 169 
ILE H    H N N 170 
ILE H2   H N N 171 
ILE HA   H N N 172 
ILE HB   H N N 173 
ILE HG12 H N N 174 
ILE HG13 H N N 175 
ILE HG21 H N N 176 
ILE HG22 H N N 177 
ILE HG23 H N N 178 
ILE HD11 H N N 179 
ILE HD12 H N N 180 
ILE HD13 H N N 181 
ILE HXT  H N N 182 
LEU N    N N N 183 
LEU CA   C N S 184 
LEU C    C N N 185 
LEU O    O N N 186 
LEU CB   C N N 187 
LEU CG   C N N 188 
LEU CD1  C N N 189 
LEU CD2  C N N 190 
LEU OXT  O N N 191 
LEU H    H N N 192 
LEU H2   H N N 193 
LEU HA   H N N 194 
LEU HB2  H N N 195 
LEU HB3  H N N 196 
LEU HG   H N N 197 
LEU HD11 H N N 198 
LEU HD12 H N N 199 
LEU HD13 H N N 200 
LEU HD21 H N N 201 
LEU HD22 H N N 202 
LEU HD23 H N N 203 
LEU HXT  H N N 204 
LYS N    N N N 205 
LYS CA   C N S 206 
LYS C    C N N 207 
LYS O    O N N 208 
LYS CB   C N N 209 
LYS CG   C N N 210 
LYS CD   C N N 211 
LYS CE   C N N 212 
LYS NZ   N N N 213 
LYS OXT  O N N 214 
LYS H    H N N 215 
LYS H2   H N N 216 
LYS HA   H N N 217 
LYS HB2  H N N 218 
LYS HB3  H N N 219 
LYS HG2  H N N 220 
LYS HG3  H N N 221 
LYS HD2  H N N 222 
LYS HD3  H N N 223 
LYS HE2  H N N 224 
LYS HE3  H N N 225 
LYS HZ1  H N N 226 
LYS HZ2  H N N 227 
LYS HZ3  H N N 228 
LYS HXT  H N N 229 
MET N    N N N 230 
MET CA   C N S 231 
MET C    C N N 232 
MET O    O N N 233 
MET CB   C N N 234 
MET CG   C N N 235 
MET SD   S N N 236 
MET CE   C N N 237 
MET OXT  O N N 238 
MET H    H N N 239 
MET H2   H N N 240 
MET HA   H N N 241 
MET HB2  H N N 242 
MET HB3  H N N 243 
MET HG2  H N N 244 
MET HG3  H N N 245 
MET HE1  H N N 246 
MET HE2  H N N 247 
MET HE3  H N N 248 
MET HXT  H N N 249 
PHE N    N N N 250 
PHE CA   C N S 251 
PHE C    C N N 252 
PHE O    O N N 253 
PHE CB   C N N 254 
PHE CG   C Y N 255 
PHE CD1  C Y N 256 
PHE CD2  C Y N 257 
PHE CE1  C Y N 258 
PHE CE2  C Y N 259 
PHE CZ   C Y N 260 
PHE OXT  O N N 261 
PHE H    H N N 262 
PHE H2   H N N 263 
PHE HA   H N N 264 
PHE HB2  H N N 265 
PHE HB3  H N N 266 
PHE HD1  H N N 267 
PHE HD2  H N N 268 
PHE HE1  H N N 269 
PHE HE2  H N N 270 
PHE HZ   H N N 271 
PHE HXT  H N N 272 
PRO N    N N N 273 
PRO CA   C N S 274 
PRO C    C N N 275 
PRO O    O N N 276 
PRO CB   C N N 277 
PRO CG   C N N 278 
PRO CD   C N N 279 
PRO OXT  O N N 280 
PRO H    H N N 281 
PRO HA   H N N 282 
PRO HB2  H N N 283 
PRO HB3  H N N 284 
PRO HG2  H N N 285 
PRO HG3  H N N 286 
PRO HD2  H N N 287 
PRO HD3  H N N 288 
PRO HXT  H N N 289 
SER N    N N N 290 
SER CA   C N S 291 
SER C    C N N 292 
SER O    O N N 293 
SER CB   C N N 294 
SER OG   O N N 295 
SER OXT  O N N 296 
SER H    H N N 297 
SER H2   H N N 298 
SER HA   H N N 299 
SER HB2  H N N 300 
SER HB3  H N N 301 
SER HG   H N N 302 
SER HXT  H N N 303 
THR N    N N N 304 
THR CA   C N S 305 
THR C    C N N 306 
THR O    O N N 307 
THR CB   C N R 308 
THR OG1  O N N 309 
THR CG2  C N N 310 
THR OXT  O N N 311 
THR H    H N N 312 
THR H2   H N N 313 
THR HA   H N N 314 
THR HB   H N N 315 
THR HG1  H N N 316 
THR HG21 H N N 317 
THR HG22 H N N 318 
THR HG23 H N N 319 
THR HXT  H N N 320 
TRP N    N N N 321 
TRP CA   C N S 322 
TRP C    C N N 323 
TRP O    O N N 324 
TRP CB   C N N 325 
TRP CG   C Y N 326 
TRP CD1  C Y N 327 
TRP CD2  C Y N 328 
TRP NE1  N Y N 329 
TRP CE2  C Y N 330 
TRP CE3  C Y N 331 
TRP CZ2  C Y N 332 
TRP CZ3  C Y N 333 
TRP CH2  C Y N 334 
TRP OXT  O N N 335 
TRP H    H N N 336 
TRP H2   H N N 337 
TRP HA   H N N 338 
TRP HB2  H N N 339 
TRP HB3  H N N 340 
TRP HD1  H N N 341 
TRP HE1  H N N 342 
TRP HE3  H N N 343 
TRP HZ2  H N N 344 
TRP HZ3  H N N 345 
TRP HH2  H N N 346 
TRP HXT  H N N 347 
TYR N    N N N 348 
TYR CA   C N S 349 
TYR C    C N N 350 
TYR O    O N N 351 
TYR CB   C N N 352 
TYR CG   C Y N 353 
TYR CD1  C Y N 354 
TYR CD2  C Y N 355 
TYR CE1  C Y N 356 
TYR CE2  C Y N 357 
TYR CZ   C Y N 358 
TYR OH   O N N 359 
TYR OXT  O N N 360 
TYR H    H N N 361 
TYR H2   H N N 362 
TYR HA   H N N 363 
TYR HB2  H N N 364 
TYR HB3  H N N 365 
TYR HD1  H N N 366 
TYR HD2  H N N 367 
TYR HE1  H N N 368 
TYR HE2  H N N 369 
TYR HH   H N N 370 
TYR HXT  H N N 371 
VAL N    N N N 372 
VAL CA   C N S 373 
VAL C    C N N 374 
VAL O    O N N 375 
VAL CB   C N N 376 
VAL CG1  C N N 377 
VAL CG2  C N N 378 
VAL OXT  O N N 379 
VAL H    H N N 380 
VAL H2   H N N 381 
VAL HA   H N N 382 
VAL HB   H N N 383 
VAL HG11 H N N 384 
VAL HG12 H N N 385 
VAL HG13 H N N 386 
VAL HG21 H N N 387 
VAL HG22 H N N 388 
VAL HG23 H N N 389 
VAL HXT  H N N 390 
# 
loop_
_chem_comp_bond.comp_id 
_chem_comp_bond.atom_id_1 
_chem_comp_bond.atom_id_2 
_chem_comp_bond.value_order 
_chem_comp_bond.pdbx_aromatic_flag 
_chem_comp_bond.pdbx_stereo_config 
_chem_comp_bond.pdbx_ordinal 
ALA N   CA   sing N N 1   
ALA N   H    sing N N 2   
ALA N   H2   sing N N 3   
ALA CA  C    sing N N 4   
ALA CA  CB   sing N N 5   
ALA CA  HA   sing N N 6   
ALA C   O    doub N N 7   
ALA C   OXT  sing N N 8   
ALA CB  HB1  sing N N 9   
ALA CB  HB2  sing N N 10  
ALA CB  HB3  sing N N 11  
ALA OXT HXT  sing N N 12  
ARG N   CA   sing N N 13  
ARG N   H    sing N N 14  
ARG N   H2   sing N N 15  
ARG CA  C    sing N N 16  
ARG CA  CB   sing N N 17  
ARG CA  HA   sing N N 18  
ARG C   O    doub N N 19  
ARG C   OXT  sing N N 20  
ARG CB  CG   sing N N 21  
ARG CB  HB2  sing N N 22  
ARG CB  HB3  sing N N 23  
ARG CG  CD   sing N N 24  
ARG CG  HG2  sing N N 25  
ARG CG  HG3  sing N N 26  
ARG CD  NE   sing N N 27  
ARG CD  HD2  sing N N 28  
ARG CD  HD3  sing N N 29  
ARG NE  CZ   sing N N 30  
ARG NE  HE   sing N N 31  
ARG CZ  NH1  sing N N 32  
ARG CZ  NH2  doub N N 33  
ARG NH1 HH11 sing N N 34  
ARG NH1 HH12 sing N N 35  
ARG NH2 HH21 sing N N 36  
ARG NH2 HH22 sing N N 37  
ARG OXT HXT  sing N N 38  
ASN N   CA   sing N N 39  
ASN N   H    sing N N 40  
ASN N   H2   sing N N 41  
ASN CA  C    sing N N 42  
ASN CA  CB   sing N N 43  
ASN CA  HA   sing N N 44  
ASN C   O    doub N N 45  
ASN C   OXT  sing N N 46  
ASN CB  CG   sing N N 47  
ASN CB  HB2  sing N N 48  
ASN CB  HB3  sing N N 49  
ASN CG  OD1  doub N N 50  
ASN CG  ND2  sing N N 51  
ASN ND2 HD21 sing N N 52  
ASN ND2 HD22 sing N N 53  
ASN OXT HXT  sing N N 54  
ASP N   CA   sing N N 55  
ASP N   H    sing N N 56  
ASP N   H2   sing N N 57  
ASP CA  C    sing N N 58  
ASP CA  CB   sing N N 59  
ASP CA  HA   sing N N 60  
ASP C   O    doub N N 61  
ASP C   OXT  sing N N 62  
ASP CB  CG   sing N N 63  
ASP CB  HB2  sing N N 64  
ASP CB  HB3  sing N N 65  
ASP CG  OD1  doub N N 66  
ASP CG  OD2  sing N N 67  
ASP OD2 HD2  sing N N 68  
ASP OXT HXT  sing N N 69  
CYS N   CA   sing N N 70  
CYS N   H    sing N N 71  
CYS N   H2   sing N N 72  
CYS CA  C    sing N N 73  
CYS CA  CB   sing N N 74  
CYS CA  HA   sing N N 75  
CYS C   O    doub N N 76  
CYS C   OXT  sing N N 77  
CYS CB  SG   sing N N 78  
CYS CB  HB2  sing N N 79  
CYS CB  HB3  sing N N 80  
CYS SG  HG   sing N N 81  
CYS OXT HXT  sing N N 82  
GLN N   CA   sing N N 83  
GLN N   H    sing N N 84  
GLN N   H2   sing N N 85  
GLN CA  C    sing N N 86  
GLN CA  CB   sing N N 87  
GLN CA  HA   sing N N 88  
GLN C   O    doub N N 89  
GLN C   OXT  sing N N 90  
GLN CB  CG   sing N N 91  
GLN CB  HB2  sing N N 92  
GLN CB  HB3  sing N N 93  
GLN CG  CD   sing N N 94  
GLN CG  HG2  sing N N 95  
GLN CG  HG3  sing N N 96  
GLN CD  OE1  doub N N 97  
GLN CD  NE2  sing N N 98  
GLN NE2 HE21 sing N N 99  
GLN NE2 HE22 sing N N 100 
GLN OXT HXT  sing N N 101 
GLU N   CA   sing N N 102 
GLU N   H    sing N N 103 
GLU N   H2   sing N N 104 
GLU CA  C    sing N N 105 
GLU CA  CB   sing N N 106 
GLU CA  HA   sing N N 107 
GLU C   O    doub N N 108 
GLU C   OXT  sing N N 109 
GLU CB  CG   sing N N 110 
GLU CB  HB2  sing N N 111 
GLU CB  HB3  sing N N 112 
GLU CG  CD   sing N N 113 
GLU CG  HG2  sing N N 114 
GLU CG  HG3  sing N N 115 
GLU CD  OE1  doub N N 116 
GLU CD  OE2  sing N N 117 
GLU OE2 HE2  sing N N 118 
GLU OXT HXT  sing N N 119 
GLY N   CA   sing N N 120 
GLY N   H    sing N N 121 
GLY N   H2   sing N N 122 
GLY CA  C    sing N N 123 
GLY CA  HA2  sing N N 124 
GLY CA  HA3  sing N N 125 
GLY C   O    doub N N 126 
GLY C   OXT  sing N N 127 
GLY OXT HXT  sing N N 128 
HIS N   CA   sing N N 129 
HIS N   H    sing N N 130 
HIS N   H2   sing N N 131 
HIS CA  C    sing N N 132 
HIS CA  CB   sing N N 133 
HIS CA  HA   sing N N 134 
HIS C   O    doub N N 135 
HIS C   OXT  sing N N 136 
HIS CB  CG   sing N N 137 
HIS CB  HB2  sing N N 138 
HIS CB  HB3  sing N N 139 
HIS CG  ND1  sing Y N 140 
HIS CG  CD2  doub Y N 141 
HIS ND1 CE1  doub Y N 142 
HIS ND1 HD1  sing N N 143 
HIS CD2 NE2  sing Y N 144 
HIS CD2 HD2  sing N N 145 
HIS CE1 NE2  sing Y N 146 
HIS CE1 HE1  sing N N 147 
HIS NE2 HE2  sing N N 148 
HIS OXT HXT  sing N N 149 
HOH O   H1   sing N N 150 
HOH O   H2   sing N N 151 
ILE N   CA   sing N N 152 
ILE N   H    sing N N 153 
ILE N   H2   sing N N 154 
ILE CA  C    sing N N 155 
ILE CA  CB   sing N N 156 
ILE CA  HA   sing N N 157 
ILE C   O    doub N N 158 
ILE C   OXT  sing N N 159 
ILE CB  CG1  sing N N 160 
ILE CB  CG2  sing N N 161 
ILE CB  HB   sing N N 162 
ILE CG1 CD1  sing N N 163 
ILE CG1 HG12 sing N N 164 
ILE CG1 HG13 sing N N 165 
ILE CG2 HG21 sing N N 166 
ILE CG2 HG22 sing N N 167 
ILE CG2 HG23 sing N N 168 
ILE CD1 HD11 sing N N 169 
ILE CD1 HD12 sing N N 170 
ILE CD1 HD13 sing N N 171 
ILE OXT HXT  sing N N 172 
LEU N   CA   sing N N 173 
LEU N   H    sing N N 174 
LEU N   H2   sing N N 175 
LEU CA  C    sing N N 176 
LEU CA  CB   sing N N 177 
LEU CA  HA   sing N N 178 
LEU C   O    doub N N 179 
LEU C   OXT  sing N N 180 
LEU CB  CG   sing N N 181 
LEU CB  HB2  sing N N 182 
LEU CB  HB3  sing N N 183 
LEU CG  CD1  sing N N 184 
LEU CG  CD2  sing N N 185 
LEU CG  HG   sing N N 186 
LEU CD1 HD11 sing N N 187 
LEU CD1 HD12 sing N N 188 
LEU CD1 HD13 sing N N 189 
LEU CD2 HD21 sing N N 190 
LEU CD2 HD22 sing N N 191 
LEU CD2 HD23 sing N N 192 
LEU OXT HXT  sing N N 193 
LYS N   CA   sing N N 194 
LYS N   H    sing N N 195 
LYS N   H2   sing N N 196 
LYS CA  C    sing N N 197 
LYS CA  CB   sing N N 198 
LYS CA  HA   sing N N 199 
LYS C   O    doub N N 200 
LYS C   OXT  sing N N 201 
LYS CB  CG   sing N N 202 
LYS CB  HB2  sing N N 203 
LYS CB  HB3  sing N N 204 
LYS CG  CD   sing N N 205 
LYS CG  HG2  sing N N 206 
LYS CG  HG3  sing N N 207 
LYS CD  CE   sing N N 208 
LYS CD  HD2  sing N N 209 
LYS CD  HD3  sing N N 210 
LYS CE  NZ   sing N N 211 
LYS CE  HE2  sing N N 212 
LYS CE  HE3  sing N N 213 
LYS NZ  HZ1  sing N N 214 
LYS NZ  HZ2  sing N N 215 
LYS NZ  HZ3  sing N N 216 
LYS OXT HXT  sing N N 217 
MET N   CA   sing N N 218 
MET N   H    sing N N 219 
MET N   H2   sing N N 220 
MET CA  C    sing N N 221 
MET CA  CB   sing N N 222 
MET CA  HA   sing N N 223 
MET C   O    doub N N 224 
MET C   OXT  sing N N 225 
MET CB  CG   sing N N 226 
MET CB  HB2  sing N N 227 
MET CB  HB3  sing N N 228 
MET CG  SD   sing N N 229 
MET CG  HG2  sing N N 230 
MET CG  HG3  sing N N 231 
MET SD  CE   sing N N 232 
MET CE  HE1  sing N N 233 
MET CE  HE2  sing N N 234 
MET CE  HE3  sing N N 235 
MET OXT HXT  sing N N 236 
PHE N   CA   sing N N 237 
PHE N   H    sing N N 238 
PHE N   H2   sing N N 239 
PHE CA  C    sing N N 240 
PHE CA  CB   sing N N 241 
PHE CA  HA   sing N N 242 
PHE C   O    doub N N 243 
PHE C   OXT  sing N N 244 
PHE CB  CG   sing N N 245 
PHE CB  HB2  sing N N 246 
PHE CB  HB3  sing N N 247 
PHE CG  CD1  doub Y N 248 
PHE CG  CD2  sing Y N 249 
PHE CD1 CE1  sing Y N 250 
PHE CD1 HD1  sing N N 251 
PHE CD2 CE2  doub Y N 252 
PHE CD2 HD2  sing N N 253 
PHE CE1 CZ   doub Y N 254 
PHE CE1 HE1  sing N N 255 
PHE CE2 CZ   sing Y N 256 
PHE CE2 HE2  sing N N 257 
PHE CZ  HZ   sing N N 258 
PHE OXT HXT  sing N N 259 
PRO N   CA   sing N N 260 
PRO N   CD   sing N N 261 
PRO N   H    sing N N 262 
PRO CA  C    sing N N 263 
PRO CA  CB   sing N N 264 
PRO CA  HA   sing N N 265 
PRO C   O    doub N N 266 
PRO C   OXT  sing N N 267 
PRO CB  CG   sing N N 268 
PRO CB  HB2  sing N N 269 
PRO CB  HB3  sing N N 270 
PRO CG  CD   sing N N 271 
PRO CG  HG2  sing N N 272 
PRO CG  HG3  sing N N 273 
PRO CD  HD2  sing N N 274 
PRO CD  HD3  sing N N 275 
PRO OXT HXT  sing N N 276 
SER N   CA   sing N N 277 
SER N   H    sing N N 278 
SER N   H2   sing N N 279 
SER CA  C    sing N N 280 
SER CA  CB   sing N N 281 
SER CA  HA   sing N N 282 
SER C   O    doub N N 283 
SER C   OXT  sing N N 284 
SER CB  OG   sing N N 285 
SER CB  HB2  sing N N 286 
SER CB  HB3  sing N N 287 
SER OG  HG   sing N N 288 
SER OXT HXT  sing N N 289 
THR N   CA   sing N N 290 
THR N   H    sing N N 291 
THR N   H2   sing N N 292 
THR CA  C    sing N N 293 
THR CA  CB   sing N N 294 
THR CA  HA   sing N N 295 
THR C   O    doub N N 296 
THR C   OXT  sing N N 297 
THR CB  OG1  sing N N 298 
THR CB  CG2  sing N N 299 
THR CB  HB   sing N N 300 
THR OG1 HG1  sing N N 301 
THR CG2 HG21 sing N N 302 
THR CG2 HG22 sing N N 303 
THR CG2 HG23 sing N N 304 
THR OXT HXT  sing N N 305 
TRP N   CA   sing N N 306 
TRP N   H    sing N N 307 
TRP N   H2   sing N N 308 
TRP CA  C    sing N N 309 
TRP CA  CB   sing N N 310 
TRP CA  HA   sing N N 311 
TRP C   O    doub N N 312 
TRP C   OXT  sing N N 313 
TRP CB  CG   sing N N 314 
TRP CB  HB2  sing N N 315 
TRP CB  HB3  sing N N 316 
TRP CG  CD1  doub Y N 317 
TRP CG  CD2  sing Y N 318 
TRP CD1 NE1  sing Y N 319 
TRP CD1 HD1  sing N N 320 
TRP CD2 CE2  doub Y N 321 
TRP CD2 CE3  sing Y N 322 
TRP NE1 CE2  sing Y N 323 
TRP NE1 HE1  sing N N 324 
TRP CE2 CZ2  sing Y N 325 
TRP CE3 CZ3  doub Y N 326 
TRP CE3 HE3  sing N N 327 
TRP CZ2 CH2  doub Y N 328 
TRP CZ2 HZ2  sing N N 329 
TRP CZ3 CH2  sing Y N 330 
TRP CZ3 HZ3  sing N N 331 
TRP CH2 HH2  sing N N 332 
TRP OXT HXT  sing N N 333 
TYR N   CA   sing N N 334 
TYR N   H    sing N N 335 
TYR N   H2   sing N N 336 
TYR CA  C    sing N N 337 
TYR CA  CB   sing N N 338 
TYR CA  HA   sing N N 339 
TYR C   O    doub N N 340 
TYR C   OXT  sing N N 341 
TYR CB  CG   sing N N 342 
TYR CB  HB2  sing N N 343 
TYR CB  HB3  sing N N 344 
TYR CG  CD1  doub Y N 345 
TYR CG  CD2  sing Y N 346 
TYR CD1 CE1  sing Y N 347 
TYR CD1 HD1  sing N N 348 
TYR CD2 CE2  doub Y N 349 
TYR CD2 HD2  sing N N 350 
TYR CE1 CZ   doub Y N 351 
TYR CE1 HE1  sing N N 352 
TYR CE2 CZ   sing Y N 353 
TYR CE2 HE2  sing N N 354 
TYR CZ  OH   sing N N 355 
TYR OH  HH   sing N N 356 
TYR OXT HXT  sing N N 357 
VAL N   CA   sing N N 358 
VAL N   H    sing N N 359 
VAL N   H2   sing N N 360 
VAL CA  C    sing N N 361 
VAL CA  CB   sing N N 362 
VAL CA  HA   sing N N 363 
VAL C   O    doub N N 364 
VAL C   OXT  sing N N 365 
VAL CB  CG1  sing N N 366 
VAL CB  CG2  sing N N 367 
VAL CB  HB   sing N N 368 
VAL CG1 HG11 sing N N 369 
VAL CG1 HG12 sing N N 370 
VAL CG1 HG13 sing N N 371 
VAL CG2 HG21 sing N N 372 
VAL CG2 HG22 sing N N 373 
VAL CG2 HG23 sing N N 374 
VAL OXT HXT  sing N N 375 
# 
_atom_sites.entry_id                    1TUL 
_atom_sites.fract_transf_matrix[1][1]   -0.00816814 
_atom_sites.fract_transf_matrix[1][2]   -0.00967790 
_atom_sites.fract_transf_matrix[1][3]   -0.00337445 
_atom_sites.fract_transf_matrix[2][1]   0.00857250 
_atom_sites.fract_transf_matrix[2][2]   -0.00881605 
_atom_sites.fract_transf_matrix[2][3]   0.00453395 
_atom_sites.fract_transf_matrix[3][1]   -0.00561792 
_atom_sites.fract_transf_matrix[3][2]   0.00061853 
_atom_sites.fract_transf_matrix[3][3]   0.01182470 
_atom_sites.fract_transf_vector[1]      0.399179 
_atom_sites.fract_transf_vector[2]      0.807435 
_atom_sites.fract_transf_vector[3]      0.115914 
# 
loop_
_atom_type.symbol 
C 
N 
O 
S 
# 
loop_
_atom_site.group_PDB 
_atom_site.id 
_atom_site.type_symbol 
_atom_site.label_atom_id 
_atom_site.label_alt_id 
_atom_site.label_comp_id 
_atom_site.label_asym_id 
_atom_site.label_entity_id 
_atom_site.label_seq_id 
_atom_site.pdbx_PDB_ins_code 
_atom_site.Cartn_x 
_atom_site.Cartn_y 
_atom_site.Cartn_z 
_atom_site.occupancy 
_atom_site.B_iso_or_equiv 
_atom_site.pdbx_formal_charge 
_atom_site.auth_seq_id 
_atom_site.auth_comp_id 
_atom_site.auth_asym_id 
_atom_site.auth_atom_id 
_atom_site.pdbx_PDB_model_num 
ATOM   1   N N   . GLY A 1 7   ? -14.751 -2.687  -14.740 1.00 80.41  ? 7   GLY A N   1 
ATOM   2   C CA  . GLY A 1 7   ? -14.382 -2.710  -13.333 1.00 100.00 ? 7   GLY A CA  1 
ATOM   3   C C   . GLY A 1 7   ? -13.025 -3.362  -13.131 1.00 100.00 ? 7   GLY A C   1 
ATOM   4   O O   . GLY A 1 7   ? -12.901 -4.618  -13.103 1.00 51.00  ? 7   GLY A O   1 
ATOM   5   N N   . THR A 1 8   ? -11.986 -2.502  -13.031 1.00 44.39  ? 8   THR A N   1 
ATOM   6   C CA  . THR A 1 8   ? -10.624 -3.006  -12.856 1.00 47.58  ? 8   THR A CA  1 
ATOM   7   C C   . THR A 1 8   ? -10.409 -3.891  -11.647 1.00 36.97  ? 8   THR A C   1 
ATOM   8   O O   . THR A 1 8   ? -10.963 -3.701  -10.572 1.00 36.81  ? 8   THR A O   1 
ATOM   9   C CB  . THR A 1 8   ? -9.490  -1.968  -13.044 1.00 46.87  ? 8   THR A CB  1 
ATOM   10  O OG1 . THR A 1 8   ? -9.162  -1.306  -11.828 1.00 74.95  ? 8   THR A OG1 1 
ATOM   11  C CG2 . THR A 1 8   ? -9.891  -0.959  -14.109 1.00 71.41  ? 8   THR A CG2 1 
ATOM   12  N N   . PRO A 1 9   ? -9.562  -4.871  -11.821 1.00 43.37  ? 9   PRO A N   1 
ATOM   13  C CA  . PRO A 1 9   ? -9.257  -5.749  -10.730 1.00 29.13  ? 9   PRO A CA  1 
ATOM   14  C C   . PRO A 1 9   ? -8.405  -4.986  -9.710  1.00 23.94  ? 9   PRO A C   1 
ATOM   15  O O   . PRO A 1 9   ? -7.628  -4.099  -10.057 1.00 23.29  ? 9   PRO A O   1 
ATOM   16  C CB  . PRO A 1 9   ? -8.423  -6.884  -11.314 1.00 29.62  ? 9   PRO A CB  1 
ATOM   17  C CG  . PRO A 1 9   ? -8.252  -6.603  -12.798 1.00 20.92  ? 9   PRO A CG  1 
ATOM   18  C CD  . PRO A 1 9   ? -8.886  -5.249  -13.076 1.00 19.96  ? 9   PRO A CD  1 
ATOM   19  N N   . ASP A 1 10  ? -8.547  -5.369  -8.455  1.00 17.54  ? 10  ASP A N   1 
ATOM   20  C CA  . ASP A 1 10  ? -7.796  -4.813  -7.342  1.00 29.47  ? 10  ASP A CA  1 
ATOM   21  C C   . ASP A 1 10  ? -6.323  -5.175  -7.419  1.00 24.52  ? 10  ASP A C   1 
ATOM   22  O O   . ASP A 1 10  ? -5.962  -6.249  -7.899  1.00 33.00  ? 10  ASP A O   1 
ATOM   23  C CB  . ASP A 1 10  ? -8.240  -5.460  -6.017  1.00 30.02  ? 10  ASP A CB  1 
ATOM   24  C CG  . ASP A 1 10  ? -9.664  -5.231  -5.603  1.00 35.06  ? 10  ASP A CG  1 
ATOM   25  O OD1 . ASP A 1 10  ? -10.256 -4.239  -6.257  1.00 29.96  ? 10  ASP A OD1 1 
ATOM   26  O OD2 . ASP A 1 10  ? -10.200 -5.929  -4.754  1.00 73.83  ? 10  ASP A OD2 1 
ATOM   27  N N   . ILE A 1 11  ? -5.501  -4.282  -6.873  1.00 26.10  ? 11  ILE A N   1 
ATOM   28  C CA  . ILE A 1 11  ? -4.066  -4.468  -6.750  1.00 16.97  ? 11  ILE A CA  1 
ATOM   29  C C   . ILE A 1 11  ? -3.860  -5.116  -5.370  1.00 21.14  ? 11  ILE A C   1 
ATOM   30  O O   . ILE A 1 11  ? -4.412  -4.654  -4.369  1.00 27.29  ? 11  ILE A O   1 
ATOM   31  C CB  . ILE A 1 11  ? -3.324  -3.138  -6.799  1.00 23.10  ? 11  ILE A CB  1 
ATOM   32  C CG1 . ILE A 1 11  ? -3.431  -2.489  -8.163  1.00 18.15  ? 11  ILE A CG1 1 
ATOM   33  C CG2 . ILE A 1 11  ? -1.852  -3.369  -6.442  1.00 13.33  ? 11  ILE A CG2 1 
ATOM   34  C CD1 . ILE A 1 11  ? -3.644  -0.978  -8.080  1.00 28.14  ? 11  ILE A CD1 1 
ATOM   35  N N   . ILE A 1 12  ? -3.102  -6.194  -5.323  1.00 31.44  ? 12  ILE A N   1 
ATOM   36  C CA  . ILE A 1 12  ? -2.895  -6.910  -4.089  1.00 18.41  ? 12  ILE A CA  1 
ATOM   37  C C   . ILE A 1 12  ? -1.548  -6.702  -3.478  1.00 18.88  ? 12  ILE A C   1 
ATOM   38  O O   . ILE A 1 12  ? -0.545  -6.878  -4.161  1.00 23.22  ? 12  ILE A O   1 
ATOM   39  C CB  . ILE A 1 12  ? -3.166  -8.376  -4.347  1.00 32.82  ? 12  ILE A CB  1 
ATOM   40  C CG1 . ILE A 1 12  ? -4.644  -8.476  -4.708  1.00 33.37  ? 12  ILE A CG1 1 
ATOM   41  C CG2 . ILE A 1 12  ? -2.910  -9.181  -3.092  1.00 21.90  ? 12  ILE A CG2 1 
ATOM   42  C CD1 . ILE A 1 12  ? -4.962  -9.690  -5.551  1.00 47.19  ? 12  ILE A CD1 1 
ATOM   43  N N   . VAL A 1 13  ? -1.510  -6.332  -2.200  1.00 16.11  ? 13  VAL A N   1 
ATOM   44  C CA  . VAL A 1 13  ? -0.235  -6.159  -1.545  1.00 21.24  ? 13  VAL A CA  1 
ATOM   45  C C   . VAL A 1 13  ? -0.214  -6.911  -0.245  1.00 20.17  ? 13  VAL A C   1 
ATOM   46  O O   . VAL A 1 13  ? -1.269  -7.225  0.339   1.00 16.98  ? 13  VAL A O   1 
ATOM   47  C CB  . VAL A 1 13  ? 0.086   -4.719  -1.209  1.00 27.21  ? 13  VAL A CB  1 
ATOM   48  C CG1 . VAL A 1 13  ? 0.179   -3.889  -2.467  1.00 20.46  ? 13  VAL A CG1 1 
ATOM   49  C CG2 . VAL A 1 13  ? -1.004  -4.169  -0.294  1.00 20.59  ? 13  VAL A CG2 1 
ATOM   50  N N   . ASN A 1 14  ? 1.005   -7.117  0.224   1.00 16.78  ? 14  ASN A N   1 
ATOM   51  C CA  . ASN A 1 14  ? 1.304   -7.783  1.478   1.00 12.89  ? 14  ASN A CA  1 
ATOM   52  C C   . ASN A 1 14  ? 2.283   -6.944  2.227   1.00 15.88  ? 14  ASN A C   1 
ATOM   53  O O   . ASN A 1 14  ? 3.284   -6.521  1.663   1.00 18.34  ? 14  ASN A O   1 
ATOM   54  C CB  . ASN A 1 14  ? 1.927   -9.181  1.267   1.00 15.03  ? 14  ASN A CB  1 
ATOM   55  C CG  . ASN A 1 14  ? 0.922   -10.154 0.655   1.00 45.31  ? 14  ASN A CG  1 
ATOM   56  O OD1 . ASN A 1 14  ? -0.015  -10.597 1.320   1.00 32.73  ? 14  ASN A OD1 1 
ATOM   57  N ND2 . ASN A 1 14  ? 1.068   -10.494 -0.625  1.00 20.49  ? 14  ASN A ND2 1 
ATOM   58  N N   . ALA A 1 15  ? 1.995   -6.742  3.494   1.00 17.40  ? 15  ALA A N   1 
ATOM   59  C CA  . ALA A 1 15  ? 2.808   -5.953  4.382   1.00 17.46  ? 15  ALA A CA  1 
ATOM   60  C C   . ALA A 1 15  ? 3.939   -6.774  4.978   1.00 32.33  ? 15  ALA A C   1 
ATOM   61  O O   . ALA A 1 15  ? 3.736   -7.901  5.433   1.00 17.85  ? 15  ALA A O   1 
ATOM   62  C CB  . ALA A 1 15  ? 1.937   -5.440  5.528   1.00 18.57  ? 15  ALA A CB  1 
ATOM   63  N N   . GLN A 1 16  ? 5.123   -6.165  4.999   1.00 14.29  ? 16  GLN A N   1 
ATOM   64  C CA  . GLN A 1 16  ? 6.324   -6.751  5.566   1.00 31.96  ? 16  GLN A CA  1 
ATOM   65  C C   . GLN A 1 16  ? 7.064   -5.713  6.333   1.00 16.12  ? 16  GLN A C   1 
ATOM   66  O O   . GLN A 1 16  ? 7.008   -4.535  6.010   1.00 27.29  ? 16  GLN A O   1 
ATOM   67  C CB  . GLN A 1 16  ? 7.266   -7.267  4.491   1.00 9.81   ? 16  GLN A CB  1 
ATOM   68  C CG  . GLN A 1 16  ? 6.558   -8.423  3.762   1.00 32.67  ? 16  GLN A CG  1 
ATOM   69  C CD  . GLN A 1 16  ? 7.454   -9.058  2.752   1.00 33.40  ? 16  GLN A CD  1 
ATOM   70  O OE1 . GLN A 1 16  ? 7.076   -10.013 2.070   1.00 37.37  ? 16  GLN A OE1 1 
ATOM   71  N NE2 . GLN A 1 16  ? 8.664   -8.510  2.677   1.00 35.16  ? 16  GLN A NE2 1 
ATOM   72  N N   . ILE A 1 17  ? 7.767   -6.154  7.339   1.00 23.80  ? 17  ILE A N   1 
ATOM   73  C CA  . ILE A 1 17  ? 8.568   -5.239  8.103   1.00 27.79  ? 17  ILE A CA  1 
ATOM   74  C C   . ILE A 1 17  ? 9.818   -4.863  7.316   1.00 32.51  ? 17  ILE A C   1 
ATOM   75  O O   . ILE A 1 17  ? 10.503  -5.691  6.738   1.00 31.45  ? 17  ILE A O   1 
ATOM   76  C CB  . ILE A 1 17  ? 8.949   -5.851  9.405   1.00 20.80  ? 17  ILE A CB  1 
ATOM   77  C CG1 . ILE A 1 17  ? 7.711   -6.491  9.979   1.00 27.56  ? 17  ILE A CG1 1 
ATOM   78  C CG2 . ILE A 1 17  ? 9.523   -4.794  10.342  1.00 23.57  ? 17  ILE A CG2 1 
ATOM   79  C CD1 . ILE A 1 17  ? 7.441   -6.095  11.413  1.00 43.40  ? 17  ILE A CD1 1 
ATOM   80  N N   . ASN A 1 18  ? 10.088  -3.589  7.241   1.00 24.83  ? 18  ASN A N   1 
ATOM   81  C CA  . ASN A 1 18  ? 11.231  -3.173  6.521   1.00 13.99  ? 18  ASN A CA  1 
ATOM   82  C C   . ASN A 1 18  ? 12.467  -3.742  7.144   1.00 22.77  ? 18  ASN A C   1 
ATOM   83  O O   . ASN A 1 18  ? 12.586  -3.835  8.361   1.00 26.86  ? 18  ASN A O   1 
ATOM   84  C CB  . ASN A 1 18  ? 11.313  -1.659  6.523   1.00 19.23  ? 18  ASN A CB  1 
ATOM   85  C CG  . ASN A 1 18  ? 12.359  -1.200  5.563   1.00 25.35  ? 18  ASN A CG  1 
ATOM   86  O OD1 . ASN A 1 18  ? 13.515  -1.076  5.959   1.00 37.62  ? 18  ASN A OD1 1 
ATOM   87  N ND2 . ASN A 1 18  ? 11.978  -0.913  4.315   1.00 30.48  ? 18  ASN A ND2 1 
ATOM   88  N N   . SER A 1 19  ? 13.397  -4.114  6.295   1.00 22.31  ? 19  SER A N   1 
ATOM   89  C CA  . SER A 1 19  ? 14.642  -4.702  6.744   1.00 57.65  ? 19  SER A CA  1 
ATOM   90  C C   . SER A 1 19  ? 15.565  -3.785  7.577   1.00 33.97  ? 19  SER A C   1 
ATOM   91  O O   . SER A 1 19  ? 16.197  -4.212  8.543   1.00 52.83  ? 19  SER A O   1 
ATOM   92  C CB  . SER A 1 19  ? 15.367  -5.294  5.554   1.00 33.58  ? 19  SER A CB  1 
ATOM   93  O OG  . SER A 1 19  ? 14.829  -6.567  5.281   1.00 100.00 ? 19  SER A OG  1 
ATOM   94  N N   . GLU A 1 20  ? 15.617  -2.515  7.199   1.00 38.60  ? 20  GLU A N   1 
ATOM   95  C CA  . GLU A 1 20  ? 16.466  -1.506  7.815   1.00 32.05  ? 20  GLU A CA  1 
ATOM   96  C C   . GLU A 1 20  ? 15.870  -0.812  9.033   1.00 29.52  ? 20  GLU A C   1 
ATOM   97  O O   . GLU A 1 20  ? 16.555  -0.538  10.018  1.00 90.20  ? 20  GLU A O   1 
ATOM   98  C CB  . GLU A 1 20  ? 16.793  -0.431  6.753   1.00 52.09  ? 20  GLU A CB  1 
ATOM   99  C CG  . GLU A 1 20  ? 18.255  -0.447  6.237   1.00 100.00 ? 20  GLU A CG  1 
ATOM   100 C CD  . GLU A 1 20  ? 18.511  -1.415  5.112   1.00 100.00 ? 20  GLU A CD  1 
ATOM   101 O OE1 . GLU A 1 20  ? 18.496  -2.634  5.249   1.00 100.00 ? 20  GLU A OE1 1 
ATOM   102 O OE2 . GLU A 1 20  ? 18.783  -0.808  3.974   1.00 100.00 ? 20  GLU A OE2 1 
ATOM   103 N N   . ASP A 1 21  ? 14.599  -0.498  8.929   1.00 43.74  ? 21  ASP A N   1 
ATOM   104 C CA  . ASP A 1 21  ? 13.907  0.208   9.960   1.00 20.14  ? 21  ASP A CA  1 
ATOM   105 C C   . ASP A 1 21  ? 12.672  -0.526  10.367  1.00 26.82  ? 21  ASP A C   1 
ATOM   106 O O   . ASP A 1 21  ? 11.748  -0.685  9.576   1.00 28.30  ? 21  ASP A O   1 
ATOM   107 C CB  . ASP A 1 21  ? 13.530  1.573   9.398   1.00 34.46  ? 21  ASP A CB  1 
ATOM   108 C CG  . ASP A 1 21  ? 13.057  2.513   10.449  1.00 35.48  ? 21  ASP A CG  1 
ATOM   109 O OD1 . ASP A 1 21  ? 12.754  1.911   11.585  1.00 33.58  ? 21  ASP A OD1 1 
ATOM   110 O OD2 . ASP A 1 21  ? 12.957  3.709   10.247  1.00 57.49  ? 21  ASP A OD2 1 
ATOM   111 N N   . GLU A 1 22  ? 12.685  -0.941  11.612  1.00 23.30  ? 22  GLU A N   1 
ATOM   112 C CA  . GLU A 1 22  ? 11.606  -1.703  12.226  1.00 28.00  ? 22  GLU A CA  1 
ATOM   113 C C   . GLU A 1 22  ? 10.318  -0.924  12.348  1.00 29.10  ? 22  GLU A C   1 
ATOM   114 O O   . GLU A 1 22  ? 9.282   -1.516  12.658  1.00 37.43  ? 22  GLU A O   1 
ATOM   115 C CB  . GLU A 1 22  ? 12.016  -2.101  13.626  1.00 25.90  ? 22  GLU A CB  1 
ATOM   116 C CG  . GLU A 1 22  ? 12.795  -0.946  14.268  1.00 100.00 ? 22  GLU A CG  1 
ATOM   117 C CD  . GLU A 1 22  ? 12.868  -1.100  15.739  1.00 100.00 ? 22  GLU A CD  1 
ATOM   118 O OE1 . GLU A 1 22  ? 12.499  -2.116  16.312  1.00 100.00 ? 22  GLU A OE1 1 
ATOM   119 O OE2 . GLU A 1 22  ? 13.369  -0.033  16.319  1.00 100.00 ? 22  GLU A OE2 1 
ATOM   120 N N   . ASN A 1 23  ? 10.396  0.398   12.115  1.00 31.61  ? 23  ASN A N   1 
ATOM   121 C CA  . ASN A 1 23  ? 9.232   1.292   12.185  1.00 27.64  ? 23  ASN A CA  1 
ATOM   122 C C   . ASN A 1 23  ? 8.685   1.661   10.837  1.00 22.77  ? 23  ASN A C   1 
ATOM   123 O O   . ASN A 1 23  ? 7.988   2.649   10.730  1.00 28.70  ? 23  ASN A O   1 
ATOM   124 C CB  . ASN A 1 23  ? 9.513   2.586   12.937  1.00 29.23  ? 23  ASN A CB  1 
ATOM   125 C CG  . ASN A 1 23  ? 9.725   2.329   14.414  1.00 55.93  ? 23  ASN A CG  1 
ATOM   126 O OD1 . ASN A 1 23  ? 8.961   1.610   15.081  1.00 45.06  ? 23  ASN A OD1 1 
ATOM   127 N ND2 . ASN A 1 23  ? 10.798  2.897   14.930  1.00 53.75  ? 23  ASN A ND2 1 
ATOM   128 N N   . VAL A 1 24  ? 9.048   0.868   9.849   1.00 25.35  ? 24  VAL A N   1 
ATOM   129 C CA  . VAL A 1 24  ? 8.598   1.013   8.498   1.00 32.65  ? 24  VAL A CA  1 
ATOM   130 C C   . VAL A 1 24  ? 7.998   -0.289  7.984   1.00 20.55  ? 24  VAL A C   1 
ATOM   131 O O   . VAL A 1 24  ? 8.582   -1.386  8.109   1.00 19.10  ? 24  VAL A O   1 
ATOM   132 C CB  . VAL A 1 24  ? 9.723   1.415   7.557   1.00 34.40  ? 24  VAL A CB  1 
ATOM   133 C CG1 . VAL A 1 24  ? 9.179   1.394   6.162   1.00 18.08  ? 24  VAL A CG1 1 
ATOM   134 C CG2 . VAL A 1 24  ? 10.223  2.829   7.863   1.00 22.38  ? 24  VAL A CG2 1 
ATOM   135 N N   . LEU A 1 25  ? 6.804   -0.181  7.430   1.00 20.20  ? 25  LEU A N   1 
ATOM   136 C CA  . LEU A 1 25  ? 6.177   -1.343  6.824   1.00 24.19  ? 25  LEU A CA  1 
ATOM   137 C C   . LEU A 1 25  ? 6.214   -1.147  5.333   1.00 28.96  ? 25  LEU A C   1 
ATOM   138 O O   . LEU A 1 25  ? 5.819   -0.094  4.802   1.00 26.21  ? 25  LEU A O   1 
ATOM   139 C CB  . LEU A 1 25  ? 4.714   -1.614  7.187   1.00 14.99  ? 25  LEU A CB  1 
ATOM   140 C CG  . LEU A 1 25  ? 4.435   -2.060  8.623   1.00 23.87  ? 25  LEU A CG  1 
ATOM   141 C CD1 . LEU A 1 25  ? 2.925   -2.111  8.874   1.00 20.98  ? 25  LEU A CD1 1 
ATOM   142 C CD2 . LEU A 1 25  ? 5.041   -3.422  8.867   1.00 18.16  ? 25  LEU A CD2 1 
ATOM   143 N N   . ASP A 1 26  ? 6.715   -2.165  4.686   1.00 17.09  ? 26  ASP A N   1 
ATOM   144 C CA  . ASP A 1 26  ? 6.794   -2.251  3.252   1.00 14.27  ? 26  ASP A CA  1 
ATOM   145 C C   . ASP A 1 26  ? 5.526   -2.979  2.762   1.00 32.18  ? 26  ASP A C   1 
ATOM   146 O O   . ASP A 1 26  ? 5.052   -3.937  3.383   1.00 20.08  ? 26  ASP A O   1 
ATOM   147 C CB  . ASP A 1 26  ? 8.016   -3.105  2.801   1.00 14.73  ? 26  ASP A CB  1 
ATOM   148 C CG  . ASP A 1 26  ? 9.397   -2.573  3.153   1.00 19.20  ? 26  ASP A CG  1 
ATOM   149 O OD1 . ASP A 1 26  ? 9.452   -1.296  3.451   1.00 20.43  ? 26  ASP A OD1 1 
ATOM   150 O OD2 . ASP A 1 26  ? 10.380  -3.278  3.150   1.00 31.87  ? 26  ASP A OD2 1 
ATOM   151 N N   . PHE A 1 27  ? 4.994   -2.517  1.638   1.00 14.12  ? 27  PHE A N   1 
ATOM   152 C CA  . PHE A 1 27  ? 3.822   -3.106  1.018   1.00 18.10  ? 27  PHE A CA  1 
ATOM   153 C C   . PHE A 1 27  ? 4.187   -3.634  -0.391  1.00 24.93  ? 27  PHE A C   1 
ATOM   154 O O   . PHE A 1 27  ? 4.381   -2.839  -1.352  1.00 20.78  ? 27  PHE A O   1 
ATOM   155 C CB  . PHE A 1 27  ? 2.695   -2.076  0.986   1.00 16.51  ? 27  PHE A CB  1 
ATOM   156 C CG  . PHE A 1 27  ? 2.171   -1.804  2.359   1.00 16.09  ? 27  PHE A CG  1 
ATOM   157 C CD1 . PHE A 1 27  ? 2.774   -0.874  3.201   1.00 18.98  ? 27  PHE A CD1 1 
ATOM   158 C CD2 . PHE A 1 27  ? 1.038   -2.472  2.811   1.00 15.59  ? 27  PHE A CD2 1 
ATOM   159 C CE1 . PHE A 1 27  ? 2.271   -0.618  4.478   1.00 13.38  ? 27  PHE A CE1 1 
ATOM   160 C CE2 . PHE A 1 27  ? 0.508   -2.217  4.075   1.00 18.47  ? 27  PHE A CE2 1 
ATOM   161 C CZ  . PHE A 1 27  ? 1.125   -1.279  4.910   1.00 19.20  ? 27  PHE A CZ  1 
ATOM   162 N N   . ILE A 1 28  ? 4.350   -4.967  -0.512  1.00 26.51  ? 28  ILE A N   1 
ATOM   163 C CA  . ILE A 1 28  ? 4.795   -5.605  -1.748  1.00 20.75  ? 28  ILE A CA  1 
ATOM   164 C C   . ILE A 1 28  ? 3.713   -6.100  -2.671  1.00 19.29  ? 28  ILE A C   1 
ATOM   165 O O   . ILE A 1 28  ? 2.730   -6.714  -2.245  1.00 17.58  ? 28  ILE A O   1 
ATOM   166 C CB  . ILE A 1 28  ? 5.828   -6.698  -1.479  1.00 18.28  ? 28  ILE A CB  1 
ATOM   167 C CG1 . ILE A 1 28  ? 7.181   -6.072  -1.245  1.00 33.56  ? 28  ILE A CG1 1 
ATOM   168 C CG2 . ILE A 1 28  ? 5.999   -7.527  -2.743  1.00 33.13  ? 28  ILE A CG2 1 
ATOM   169 C CD1 . ILE A 1 28  ? 7.238   -5.241  -0.011  1.00 24.82  ? 28  ILE A CD1 1 
ATOM   170 N N   . ILE A 1 29  ? 3.911   -5.846  -3.968  1.00 16.55  ? 29  ILE A N   1 
ATOM   171 C CA  . ILE A 1 29  ? 2.966   -6.259  -4.993  1.00 19.51  ? 29  ILE A CA  1 
ATOM   172 C C   . ILE A 1 29  ? 2.945   -7.768  -5.119  1.00 34.03  ? 29  ILE A C   1 
ATOM   173 O O   . ILE A 1 29  ? 3.983   -8.380  -5.272  1.00 18.76  ? 29  ILE A O   1 
ATOM   174 C CB  . ILE A 1 29  ? 3.210   -5.557  -6.328  1.00 19.42  ? 29  ILE A CB  1 
ATOM   175 C CG1 . ILE A 1 29  ? 2.880   -4.074  -6.181  1.00 24.22  ? 29  ILE A CG1 1 
ATOM   176 C CG2 . ILE A 1 29  ? 2.330   -6.165  -7.421  1.00 25.18  ? 29  ILE A CG2 1 
ATOM   177 C CD1 . ILE A 1 29  ? 3.878   -3.194  -6.938  1.00 48.68  ? 29  ILE A CD1 1 
ATOM   178 N N   . GLU A 1 30  ? 1.772   -8.362  -4.979  1.00 24.41  ? 30  GLU A N   1 
ATOM   179 C CA  . GLU A 1 30  ? 1.669   -9.788  -5.018  1.00 17.91  ? 30  GLU A CA  1 
ATOM   180 C C   . GLU A 1 30  ? 1.750   -10.347 -6.399  1.00 23.26  ? 30  GLU A C   1 
ATOM   181 O O   . GLU A 1 30  ? 2.407   -11.332 -6.613  1.00 21.34  ? 30  GLU A O   1 
ATOM   182 C CB  . GLU A 1 30  ? 0.408   -10.283 -4.329  1.00 14.88  ? 30  GLU A CB  1 
ATOM   183 C CG  . GLU A 1 30  ? 0.458   -11.800 -4.106  1.00 29.96  ? 30  GLU A CG  1 
ATOM   184 C CD  . GLU A 1 30  ? -0.793  -12.301 -3.422  1.00 34.93  ? 30  GLU A CD  1 
ATOM   185 O OE1 . GLU A 1 30  ? -0.990  -12.223 -2.221  1.00 72.20  ? 30  GLU A OE1 1 
ATOM   186 O OE2 . GLU A 1 30  ? -1.660  -12.818 -4.269  1.00 75.10  ? 30  GLU A OE2 1 
ATOM   187 N N   . ASP A 1 31  ? 1.080   -9.692  -7.323  1.00 19.38  ? 31  ASP A N   1 
ATOM   188 C CA  . ASP A 1 31  ? 1.078   -10.143 -8.706  1.00 20.86  ? 31  ASP A CA  1 
ATOM   189 C C   . ASP A 1 31  ? 1.271   -8.973  -9.661  1.00 22.04  ? 31  ASP A C   1 
ATOM   190 O O   . ASP A 1 31  ? 0.871   -7.859  -9.351  1.00 33.38  ? 31  ASP A O   1 
ATOM   191 C CB  . ASP A 1 31  ? -0.269  -10.815 -9.054  1.00 24.67  ? 31  ASP A CB  1 
ATOM   192 C CG  . ASP A 1 31  ? -0.643  -11.934 -8.132  1.00 84.28  ? 31  ASP A CG  1 
ATOM   193 O OD1 . ASP A 1 31  ? 0.262   -12.897 -8.121  1.00 31.64  ? 31  ASP A OD1 1 
ATOM   194 O OD2 . ASP A 1 31  ? -1.676  -11.934 -7.467  1.00 39.30  ? 31  ASP A OD2 1 
ATOM   195 N N   . GLU A 1 32  ? 1.826   -9.263  -10.845 1.00 29.52  ? 32  GLU A N   1 
ATOM   196 C CA  . GLU A 1 32  ? 2.038   -8.271  -11.877 1.00 26.57  ? 32  GLU A CA  1 
ATOM   197 C C   . GLU A 1 32  ? 0.716   -7.598  -12.237 1.00 13.33  ? 32  GLU A C   1 
ATOM   198 O O   . GLU A 1 32  ? -0.331  -8.254  -12.365 1.00 27.95  ? 32  GLU A O   1 
ATOM   199 C CB  . GLU A 1 32  ? 2.708   -8.912  -13.107 1.00 13.27  ? 32  GLU A CB  1 
ATOM   200 C CG  . GLU A 1 32  ? 2.749   -8.010  -14.332 1.00 24.33  ? 32  GLU A CG  1 
ATOM   201 C CD  . GLU A 1 32  ? 3.506   -8.643  -15.468 1.00 37.45  ? 32  GLU A CD  1 
ATOM   202 O OE1 . GLU A 1 32  ? 4.654   -9.137  -15.076 1.00 28.10  ? 32  GLU A OE1 1 
ATOM   203 O OE2 . GLU A 1 32  ? 3.094   -8.698  -16.629 1.00 33.05  ? 32  GLU A OE2 1 
ATOM   204 N N   . TYR A 1 33  ? 0.783   -6.284  -12.393 1.00 17.16  ? 33  TYR A N   1 
ATOM   205 C CA  . TYR A 1 33  ? -0.365  -5.470  -12.714 1.00 16.76  ? 33  TYR A CA  1 
ATOM   206 C C   . TYR A 1 33  ? 0.035   -4.369  -13.654 1.00 21.90  ? 33  TYR A C   1 
ATOM   207 O O   . TYR A 1 33  ? 0.743   -3.426  -13.332 1.00 24.06  ? 33  TYR A O   1 
ATOM   208 C CB  . TYR A 1 33  ? -0.935  -4.874  -11.432 1.00 20.73  ? 33  TYR A CB  1 
ATOM   209 C CG  . TYR A 1 33  ? -2.332  -4.313  -11.504 1.00 20.79  ? 33  TYR A CG  1 
ATOM   210 C CD1 . TYR A 1 33  ? -2.564  -3.013  -11.958 1.00 22.76  ? 33  TYR A CD1 1 
ATOM   211 C CD2 . TYR A 1 33  ? -3.415  -5.062  -11.030 1.00 19.60  ? 33  TYR A CD2 1 
ATOM   212 C CE1 . TYR A 1 33  ? -3.852  -2.477  -11.965 1.00 25.65  ? 33  TYR A CE1 1 
ATOM   213 C CE2 . TYR A 1 33  ? -4.718  -4.554  -11.052 1.00 13.32  ? 33  TYR A CE2 1 
ATOM   214 C CZ  . TYR A 1 33  ? -4.924  -3.254  -11.523 1.00 21.88  ? 33  TYR A CZ  1 
ATOM   215 O OH  . TYR A 1 33  ? -6.194  -2.724  -11.541 1.00 25.09  ? 33  TYR A OH  1 
ATOM   216 N N   . TYR A 1 34  ? -0.419  -4.507  -14.863 1.00 20.45  ? 34  TYR A N   1 
ATOM   217 C CA  . TYR A 1 34  ? -0.067  -3.548  -15.845 1.00 30.06  ? 34  TYR A CA  1 
ATOM   218 C C   . TYR A 1 34  ? -1.287  -2.930  -16.389 1.00 38.51  ? 34  TYR A C   1 
ATOM   219 O O   . TYR A 1 34  ? -2.181  -3.592  -16.874 1.00 41.62  ? 34  TYR A O   1 
ATOM   220 C CB  . TYR A 1 34  ? 0.695   -4.186  -17.000 1.00 36.91  ? 34  TYR A CB  1 
ATOM   221 C CG  . TYR A 1 34  ? 2.162   -4.106  -16.764 1.00 50.70  ? 34  TYR A CG  1 
ATOM   222 C CD1 . TYR A 1 34  ? 2.704   -4.664  -15.611 1.00 87.61  ? 34  TYR A CD1 1 
ATOM   223 C CD2 . TYR A 1 34  ? 3.003   -3.444  -17.654 1.00 100.00 ? 34  TYR A CD2 1 
ATOM   224 C CE1 . TYR A 1 34  ? 4.072   -4.591  -15.364 1.00 51.81  ? 34  TYR A CE1 1 
ATOM   225 C CE2 . TYR A 1 34  ? 4.372   -3.358  -17.413 1.00 60.54  ? 34  TYR A CE2 1 
ATOM   226 C CZ  . TYR A 1 34  ? 4.905   -3.942  -16.267 1.00 39.58  ? 34  TYR A CZ  1 
ATOM   227 O OH  . TYR A 1 34  ? 6.239   -3.868  -16.003 1.00 82.14  ? 34  TYR A OH  1 
ATOM   228 N N   . LEU A 1 35  ? -1.321  -1.653  -16.335 1.00 29.26  ? 35  LEU A N   1 
ATOM   229 C CA  . LEU A 1 35  ? -2.481  -1.047  -16.852 1.00 37.32  ? 35  LEU A CA  1 
ATOM   230 C C   . LEU A 1 35  ? -2.154  0.293   -17.488 1.00 40.45  ? 35  LEU A C   1 
ATOM   231 O O   . LEU A 1 35  ? -1.794  1.248   -16.812 1.00 34.23  ? 35  LEU A O   1 
ATOM   232 C CB  . LEU A 1 35  ? -3.575  -1.022  -15.772 1.00 39.66  ? 35  LEU A CB  1 
ATOM   233 C CG  . LEU A 1 35  ? -4.864  -0.335  -16.198 1.00 44.29  ? 35  LEU A CG  1 
ATOM   234 C CD1 . LEU A 1 35  ? -5.614  -1.134  -17.265 1.00 55.91  ? 35  LEU A CD1 1 
ATOM   235 C CD2 . LEU A 1 35  ? -5.787  -0.192  -14.995 1.00 35.35  ? 35  LEU A CD2 1 
ATOM   236 N N   . LYS A 1 36  ? -2.218  0.298   -18.797 1.00 40.02  ? 36  LYS A N   1 
ATOM   237 C CA  . LYS A 1 36  ? -1.965  1.505   -19.544 1.00 50.40  ? 36  LYS A CA  1 
ATOM   238 C C   . LYS A 1 36  ? -3.264  2.308   -19.554 1.00 69.97  ? 36  LYS A C   1 
ATOM   239 O O   . LYS A 1 36  ? -4.188  2.016   -20.309 1.00 74.08  ? 36  LYS A O   1 
ATOM   240 C CB  . LYS A 1 36  ? -1.437  1.171   -20.920 1.00 54.52  ? 36  LYS A CB  1 
ATOM   241 C CG  . LYS A 1 36  ? -1.668  2.277   -21.943 1.00 96.19  ? 36  LYS A CG  1 
ATOM   242 C CD  . LYS A 1 36  ? -1.586  1.750   -23.385 1.00 100.00 ? 36  LYS A CD  1 
ATOM   243 C CE  . LYS A 1 36  ? -0.280  0.994   -23.706 1.00 100.00 ? 36  LYS A CE  1 
ATOM   244 N NZ  . LYS A 1 36  ? -0.334  0.138   -24.915 1.00 100.00 ? 36  LYS A NZ  1 
ATOM   245 N N   . LYS A 1 37  ? -3.325  3.278   -18.668 1.00 70.43  ? 37  LYS A N   1 
ATOM   246 C CA  . LYS A 1 37  ? -4.488  4.125   -18.484 1.00 86.77  ? 37  LYS A CA  1 
ATOM   247 C C   . LYS A 1 37  ? -4.218  5.555   -18.948 1.00 100.00 ? 37  LYS A C   1 
ATOM   248 O O   . LYS A 1 37  ? -3.078  5.917   -19.238 1.00 100.00 ? 37  LYS A O   1 
ATOM   249 C CB  . LYS A 1 37  ? -4.928  4.055   -17.023 1.00 100.00 ? 37  LYS A CB  1 
ATOM   250 C CG  . LYS A 1 37  ? -5.579  5.313   -16.454 1.00 100.00 ? 37  LYS A CG  1 
ATOM   251 C CD  . LYS A 1 37  ? -6.182  5.093   -15.063 1.00 39.41  ? 37  LYS A CD  1 
ATOM   252 C CE  . LYS A 1 37  ? -7.685  4.858   -15.078 1.00 100.00 ? 37  LYS A CE  1 
ATOM   253 N NZ  . LYS A 1 37  ? -8.194  4.318   -13.808 1.00 100.00 ? 37  LYS A NZ  1 
ATOM   254 N N   . ARG A 1 38  ? -5.272  6.355   -19.002 1.00 100.00 ? 38  ARG A N   1 
ATOM   255 C CA  . ARG A 1 38  ? -5.203  7.744   -19.432 1.00 100.00 ? 38  ARG A CA  1 
ATOM   256 C C   . ARG A 1 38  ? -5.846  8.648   -18.390 1.00 100.00 ? 38  ARG A C   1 
ATOM   257 O O   . ARG A 1 38  ? -7.054  8.576   -18.131 1.00 100.00 ? 38  ARG A O   1 
ATOM   258 C CB  . ARG A 1 38  ? -5.852  7.932   -20.804 1.00 100.00 ? 38  ARG A CB  1 
ATOM   259 C CG  . ARG A 1 38  ? -6.898  6.875   -21.152 1.00 100.00 ? 38  ARG A CG  1 
ATOM   260 C CD  . ARG A 1 38  ? -8.314  7.426   -21.133 1.00 100.00 ? 38  ARG A CD  1 
ATOM   261 N NE  . ARG A 1 38  ? -9.332  6.400   -21.370 1.00 100.00 ? 38  ARG A NE  1 
ATOM   262 C CZ  . ARG A 1 38  ? -10.022 6.277   -22.513 1.00 100.00 ? 38  ARG A CZ  1 
ATOM   263 N NH1 . ARG A 1 38  ? -9.820  7.098   -23.558 1.00 100.00 ? 38  ARG A NH1 1 
ATOM   264 N NH2 . ARG A 1 38  ? -10.942 5.294   -22.610 1.00 100.00 ? 38  ARG A NH2 1 
ATOM   265 N N   . GLY A 1 39  ? -5.019  9.490   -17.792 1.00 81.43  ? 39  GLY A N   1 
ATOM   266 C CA  . GLY A 1 39  ? -5.511  10.431  -16.786 1.00 60.56  ? 39  GLY A CA  1 
ATOM   267 C C   . GLY A 1 39  ? -5.323  9.855   -15.414 1.00 57.20  ? 39  GLY A C   1 
ATOM   268 O O   . GLY A 1 39  ? -4.865  8.713   -15.271 1.00 56.56  ? 39  GLY A O   1 
ATOM   269 N N   . VAL A 1 40  ? -5.679  10.663  -14.433 1.00 44.78  ? 40  VAL A N   1 
ATOM   270 C CA  . VAL A 1 40  ? -5.575  10.273  -13.046 1.00 52.52  ? 40  VAL A CA  1 
ATOM   271 C C   . VAL A 1 40  ? -6.728  9.336   -12.699 1.00 51.34  ? 40  VAL A C   1 
ATOM   272 O O   . VAL A 1 40  ? -7.891  9.726   -12.767 1.00 43.47  ? 40  VAL A O   1 
ATOM   273 C CB  . VAL A 1 40  ? -5.526  11.487  -12.116 1.00 44.90  ? 40  VAL A CB  1 
ATOM   274 C CG1 . VAL A 1 40  ? -5.610  11.046  -10.659 1.00 41.99  ? 40  VAL A CG1 1 
ATOM   275 C CG2 . VAL A 1 40  ? -4.200  12.221  -12.292 1.00 46.32  ? 40  VAL A CG2 1 
ATOM   276 N N   . GLY A 1 41  ? -6.386  8.104   -12.363 1.00 36.67  ? 41  GLY A N   1 
ATOM   277 C CA  . GLY A 1 41  ? -7.351  7.086   -12.011 1.00 30.92  ? 41  GLY A CA  1 
ATOM   278 C C   . GLY A 1 41  ? -7.206  6.656   -10.562 1.00 28.56  ? 41  GLY A C   1 
ATOM   279 O O   . GLY A 1 41  ? -6.186  6.849   -9.931  1.00 26.74  ? 41  GLY A O   1 
ATOM   280 N N   . ALA A 1 42  ? -8.252  6.076   -10.047 1.00 23.58  ? 42  ALA A N   1 
ATOM   281 C CA  . ALA A 1 42  ? -8.298  5.598   -8.707  1.00 21.08  ? 42  ALA A CA  1 
ATOM   282 C C   . ALA A 1 42  ? -8.341  4.077   -8.758  1.00 28.36  ? 42  ALA A C   1 
ATOM   283 O O   . ALA A 1 42  ? -9.115  3.504   -9.493  1.00 28.38  ? 42  ALA A O   1 
ATOM   284 C CB  . ALA A 1 42  ? -9.525  6.195   -8.044  1.00 18.54  ? 42  ALA A CB  1 
ATOM   285 N N   . HIS A 1 43  ? -7.471  3.422   -8.014  1.00 20.05  ? 43  HIS A N   1 
ATOM   286 C CA  . HIS A 1 43  ? -7.410  1.975   -8.012  1.00 12.97  ? 43  HIS A CA  1 
ATOM   287 C C   . HIS A 1 43  ? -7.426  1.453   -6.606  1.00 20.00  ? 43  HIS A C   1 
ATOM   288 O O   . HIS A 1 43  ? -6.685  1.864   -5.734  1.00 29.00  ? 43  HIS A O   1 
ATOM   289 C CB  . HIS A 1 43  ? -6.185  1.472   -8.784  1.00 21.01  ? 43  HIS A CB  1 
ATOM   290 C CG  . HIS A 1 43  ? -6.194  2.095   -10.125 1.00 26.66  ? 43  HIS A CG  1 
ATOM   291 N ND1 . HIS A 1 43  ? -6.654  1.406   -11.225 1.00 36.08  ? 43  HIS A ND1 1 
ATOM   292 C CD2 . HIS A 1 43  ? -5.878  3.359   -10.500 1.00 31.58  ? 43  HIS A CD2 1 
ATOM   293 C CE1 . HIS A 1 43  ? -6.578  2.249   -12.237 1.00 26.41  ? 43  HIS A CE1 1 
ATOM   294 N NE2 . HIS A 1 43  ? -6.106  3.419   -11.837 1.00 33.81  ? 43  HIS A NE2 1 
ATOM   295 N N   . ILE A 1 44  ? -8.326  0.550   -6.391  1.00 16.81  ? 44  ILE A N   1 
ATOM   296 C CA  . ILE A 1 44  ? -8.455  0.005   -5.098  1.00 19.56  ? 44  ILE A CA  1 
ATOM   297 C C   . ILE A 1 44  ? -7.323  -0.933  -4.818  1.00 23.98  ? 44  ILE A C   1 
ATOM   298 O O   . ILE A 1 44  ? -7.030  -1.803  -5.616  1.00 22.31  ? 44  ILE A O   1 
ATOM   299 C CB  . ILE A 1 44  ? -9.749  -0.731  -5.006  1.00 22.93  ? 44  ILE A CB  1 
ATOM   300 C CG1 . ILE A 1 44  ? -10.900 0.231   -4.992  1.00 28.78  ? 44  ILE A CG1 1 
ATOM   301 C CG2 . ILE A 1 44  ? -9.778  -1.517  -3.698  1.00 19.73  ? 44  ILE A CG2 1 
ATOM   302 C CD1 . ILE A 1 44  ? -12.193 -0.535  -4.870  1.00 30.32  ? 44  ILE A CD1 1 
ATOM   303 N N   . ILE A 1 45  ? -6.709  -0.791  -3.676  1.00 25.27  ? 45  ILE A N   1 
ATOM   304 C CA  . ILE A 1 45  ? -5.641  -1.655  -3.306  1.00 22.39  ? 45  ILE A CA  1 
ATOM   305 C C   . ILE A 1 45  ? -6.125  -2.587  -2.246  1.00 24.52  ? 45  ILE A C   1 
ATOM   306 O O   . ILE A 1 45  ? -6.644  -2.151  -1.232  1.00 26.07  ? 45  ILE A O   1 
ATOM   307 C CB  . ILE A 1 45  ? -4.453  -0.890  -2.732  1.00 18.02  ? 45  ILE A CB  1 
ATOM   308 C CG1 . ILE A 1 45  ? -3.740  -0.076  -3.776  1.00 15.87  ? 45  ILE A CG1 1 
ATOM   309 C CG2 . ILE A 1 45  ? -3.464  -1.852  -2.088  1.00 23.17  ? 45  ILE A CG2 1 
ATOM   310 C CD1 . ILE A 1 45  ? -3.020  1.088   -3.138  1.00 22.29  ? 45  ILE A CD1 1 
ATOM   311 N N   . LYS A 1 46  ? -5.891  -3.861  -2.460  1.00 26.67  ? 46  LYS A N   1 
ATOM   312 C CA  . LYS A 1 46  ? -6.264  -4.889  -1.501  1.00 16.87  ? 46  LYS A CA  1 
ATOM   313 C C   . LYS A 1 46  ? -5.127  -5.309  -0.580  1.00 19.19  ? 46  LYS A C   1 
ATOM   314 O O   . LYS A 1 46  ? -4.158  -5.977  -0.996  1.00 23.76  ? 46  LYS A O   1 
ATOM   315 C CB  . LYS A 1 46  ? -6.904  -6.080  -2.173  1.00 33.75  ? 46  LYS A CB  1 
ATOM   316 C CG  . LYS A 1 46  ? -7.361  -7.086  -1.153  1.00 31.31  ? 46  LYS A CG  1 
ATOM   317 C CD  . LYS A 1 46  ? -7.487  -8.483  -1.716  1.00 100.00 ? 46  LYS A CD  1 
ATOM   318 C CE  . LYS A 1 46  ? -8.677  -9.222  -1.144  1.00 100.00 ? 46  LYS A CE  1 
ATOM   319 N NZ  . LYS A 1 46  ? -9.789  -9.307  -2.106  1.00 100.00 ? 46  LYS A NZ  1 
ATOM   320 N N   . VAL A 1 47  ? -5.221  -4.875  0.693   1.00 18.73  ? 47  VAL A N   1 
ATOM   321 C CA  . VAL A 1 47  ? -4.178  -5.193  1.663   1.00 18.68  ? 47  VAL A CA  1 
ATOM   322 C C   . VAL A 1 47  ? -4.529  -6.408  2.463   1.00 24.09  ? 47  VAL A C   1 
ATOM   323 O O   . VAL A 1 47  ? -5.509  -6.409  3.199   1.00 20.41  ? 47  VAL A O   1 
ATOM   324 C CB  . VAL A 1 47  ? -3.927  -4.067  2.648   1.00 26.79  ? 47  VAL A CB  1 
ATOM   325 C CG1 . VAL A 1 47  ? -2.770  -4.423  3.584   1.00 9.51   ? 47  VAL A CG1 1 
ATOM   326 C CG2 . VAL A 1 47  ? -3.687  -2.731  1.935   1.00 14.58  ? 47  VAL A CG2 1 
ATOM   327 N N   . ALA A 1 48  ? -3.719  -7.438  2.326   1.00 18.56  ? 48  ALA A N   1 
ATOM   328 C CA  . ALA A 1 48  ? -3.950  -8.659  3.073   1.00 22.28  ? 48  ALA A CA  1 
ATOM   329 C C   . ALA A 1 48  ? -3.835  -8.451  4.575   1.00 18.01  ? 48  ALA A C   1 
ATOM   330 O O   . ALA A 1 48  ? -2.897  -7.794  5.027   1.00 21.31  ? 48  ALA A O   1 
ATOM   331 C CB  . ALA A 1 48  ? -2.945  -9.707  2.625   1.00 21.94  ? 48  ALA A CB  1 
ATOM   332 N N   . SER A 1 49  ? -4.753  -9.049  5.364   1.00 14.70  ? 49  SER A N   1 
ATOM   333 C CA  . SER A 1 49  ? -4.679  -8.882  6.802   1.00 27.69  ? 49  SER A CA  1 
ATOM   334 C C   . SER A 1 49  ? -3.435  -9.528  7.332   1.00 23.53  ? 49  SER A C   1 
ATOM   335 O O   . SER A 1 49  ? -3.150  -10.632 6.955   1.00 24.11  ? 49  SER A O   1 
ATOM   336 C CB  . SER A 1 49  ? -5.852  -9.500  7.557   1.00 15.84  ? 49  SER A CB  1 
ATOM   337 O OG  . SER A 1 49  ? -7.067  -9.176  6.937   1.00 75.16  ? 49  SER A OG  1 
ATOM   338 N N   . SER A 1 50  ? -2.708  -8.869  8.209   1.00 25.61  ? 50  SER A N   1 
ATOM   339 C CA  . SER A 1 50  ? -1.550  -9.476  8.801   1.00 14.43  ? 50  SER A CA  1 
ATOM   340 C C   . SER A 1 50  ? -1.302  -8.866  10.171  1.00 26.02  ? 50  SER A C   1 
ATOM   341 O O   . SER A 1 50  ? -1.652  -7.721  10.458  1.00 21.05  ? 50  SER A O   1 
ATOM   342 C CB  . SER A 1 50  ? -0.328  -9.552  7.912   1.00 26.59  ? 50  SER A CB  1 
ATOM   343 O OG  . SER A 1 50  ? 0.192   -8.269  7.781   1.00 15.83  ? 50  SER A OG  1 
ATOM   344 N N   . PRO A 1 51  ? -0.763  -9.678  11.038  1.00 26.39  ? 51  PRO A N   1 
ATOM   345 C CA  . PRO A 1 51  ? -0.524  -9.196  12.384  1.00 16.65  ? 51  PRO A CA  1 
ATOM   346 C C   . PRO A 1 51  ? 0.349   -7.890  12.439  1.00 20.16  ? 51  PRO A C   1 
ATOM   347 O O   . PRO A 1 51  ? 0.133   -7.017  13.271  1.00 27.49  ? 51  PRO A O   1 
ATOM   348 C CB  . PRO A 1 51  ? 0.087   -10.396 13.112  1.00 26.81  ? 51  PRO A CB  1 
ATOM   349 C CG  . PRO A 1 51  ? 0.442   -11.442 12.063  1.00 20.32  ? 51  PRO A CG  1 
ATOM   350 C CD  . PRO A 1 51  ? -0.223  -11.040 10.782  1.00 20.47  ? 51  PRO A CD  1 
ATOM   351 N N   . GLN A 1 52  ? 1.353   -7.773  11.558  1.00 30.01  ? 52  GLN A N   1 
ATOM   352 C CA  . GLN A 1 52  ? 2.258   -6.612  11.482  1.00 19.05  ? 52  GLN A CA  1 
ATOM   353 C C   . GLN A 1 52  ? 1.470   -5.304  11.388  1.00 24.44  ? 52  GLN A C   1 
ATOM   354 O O   . GLN A 1 52  ? 1.994   -4.255  11.643  1.00 24.22  ? 52  GLN A O   1 
ATOM   355 C CB  . GLN A 1 52  ? 3.012   -6.615  10.115  1.00 23.71  ? 52  GLN A CB  1 
ATOM   356 C CG  . GLN A 1 52  ? 3.953   -7.784  9.815   1.00 35.47  ? 52  GLN A CG  1 
ATOM   357 C CD  . GLN A 1 52  ? 3.264   -8.996  9.249   1.00 33.77  ? 52  GLN A CD  1 
ATOM   358 O OE1 . GLN A 1 52  ? 2.756   -9.845  10.005  1.00 38.73  ? 52  GLN A OE1 1 
ATOM   359 N NE2 . GLN A 1 52  ? 3.281   -9.119  7.923   1.00 32.61  ? 52  GLN A NE2 1 
ATOM   360 N N   . LEU A 1 53  ? 0.253   -5.350  10.868  1.00 25.27  ? 53  LEU A N   1 
ATOM   361 C CA  . LEU A 1 53  ? -0.522  -4.143  10.659  1.00 29.85  ? 53  LEU A CA  1 
ATOM   362 C C   . LEU A 1 53  ? -0.890  -3.450  11.942  1.00 21.70  ? 53  LEU A C   1 
ATOM   363 O O   . LEU A 1 53  ? -1.216  -2.268  11.979  1.00 20.97  ? 53  LEU A O   1 
ATOM   364 C CB  . LEU A 1 53  ? -1.789  -4.394  9.770   1.00 17.79  ? 53  LEU A CB  1 
ATOM   365 C CG  . LEU A 1 53  ? -1.480  -4.813  8.346   1.00 18.24  ? 53  LEU A CG  1 
ATOM   366 C CD1 . LEU A 1 53  ? -2.755  -5.029  7.570   1.00 21.38  ? 53  LEU A CD1 1 
ATOM   367 C CD2 . LEU A 1 53  ? -0.695  -3.727  7.655   1.00 20.44  ? 53  LEU A CD2 1 
ATOM   368 N N   . ARG A 1 54  ? -0.837  -4.199  13.012  1.00 11.02  ? 54  ARG A N   1 
ATOM   369 C CA  . ARG A 1 54  ? -1.236  -3.668  14.282  1.00 20.22  ? 54  ARG A CA  1 
ATOM   370 C C   . ARG A 1 54  ? -0.486  -2.416  14.657  1.00 24.36  ? 54  ARG A C   1 
ATOM   371 O O   . ARG A 1 54  ? -0.953  -1.568  15.418  1.00 20.51  ? 54  ARG A O   1 
ATOM   372 C CB  . ARG A 1 54  ? -1.007  -4.721  15.347  1.00 22.75  ? 54  ARG A CB  1 
ATOM   373 C CG  . ARG A 1 54  ? -2.003  -4.635  16.483  1.00 59.50  ? 54  ARG A CG  1 
ATOM   374 C CD  . ARG A 1 54  ? -1.863  -5.823  17.437  1.00 100.00 ? 54  ARG A CD  1 
ATOM   375 N NE  . ARG A 1 54  ? -0.984  -5.547  18.569  1.00 100.00 ? 54  ARG A NE  1 
ATOM   376 C CZ  . ARG A 1 54  ? -1.432  -5.057  19.716  1.00 100.00 ? 54  ARG A CZ  1 
ATOM   377 N NH1 . ARG A 1 54  ? -2.726  -4.784  19.897  1.00 100.00 ? 54  ARG A NH1 1 
ATOM   378 N NH2 . ARG A 1 54  ? -0.574  -4.836  20.712  1.00 100.00 ? 54  ARG A NH2 1 
ATOM   379 N N   . LEU A 1 55  ? 0.720   -2.345  14.156  1.00 22.07  ? 55  LEU A N   1 
ATOM   380 C CA  . LEU A 1 55  ? 1.596   -1.213  14.436  1.00 15.71  ? 55  LEU A CA  1 
ATOM   381 C C   . LEU A 1 55  ? 1.008   0.127   14.035  1.00 25.11  ? 55  LEU A C   1 
ATOM   382 O O   . LEU A 1 55  ? 1.349   1.144   14.628  1.00 23.22  ? 55  LEU A O   1 
ATOM   383 C CB  . LEU A 1 55  ? 2.916   -1.377  13.671  1.00 38.00  ? 55  LEU A CB  1 
ATOM   384 C CG  . LEU A 1 55  ? 3.922   -2.323  14.300  1.00 59.40  ? 55  LEU A CG  1 
ATOM   385 C CD1 . LEU A 1 55  ? 3.737   -3.746  13.757  1.00 89.05  ? 55  LEU A CD1 1 
ATOM   386 C CD2 . LEU A 1 55  ? 5.304   -1.818  13.940  1.00 100.00 ? 55  LEU A CD2 1 
ATOM   387 N N   . LEU A 1 56  ? 0.155   0.111   13.012  1.00 20.72  ? 56  LEU A N   1 
ATOM   388 C CA  . LEU A 1 56  ? -0.479  1.301   12.446  1.00 13.75  ? 56  LEU A CA  1 
ATOM   389 C C   . LEU A 1 56  ? -1.572  1.854   13.335  1.00 17.94  ? 56  LEU A C   1 
ATOM   390 O O   . LEU A 1 56  ? -2.043  2.965   13.184  1.00 16.52  ? 56  LEU A O   1 
ATOM   391 C CB  . LEU A 1 56  ? -1.033  0.980   11.062  1.00 23.03  ? 56  LEU A CB  1 
ATOM   392 C CG  . LEU A 1 56  ? 0.095   0.727   10.064  1.00 20.77  ? 56  LEU A CG  1 
ATOM   393 C CD1 . LEU A 1 56  ? -0.500  0.480   8.691   1.00 16.50  ? 56  LEU A CD1 1 
ATOM   394 C CD2 . LEU A 1 56  ? 1.000   1.948   9.966   1.00 17.31  ? 56  LEU A CD2 1 
ATOM   395 N N   . TYR A 1 57  ? -1.978  1.035   14.266  1.00 21.34  ? 57  TYR A N   1 
ATOM   396 C CA  . TYR A 1 57  ? -3.040  1.414   15.144  1.00 9.81   ? 57  TYR A CA  1 
ATOM   397 C C   . TYR A 1 57  ? -2.521  1.905   16.484  1.00 21.04  ? 57  TYR A C   1 
ATOM   398 O O   . TYR A 1 57  ? -3.309  2.301   17.322  1.00 28.84  ? 57  TYR A O   1 
ATOM   399 C CB  . TYR A 1 57  ? -3.953  0.200   15.367  1.00 18.04  ? 57  TYR A CB  1 
ATOM   400 C CG  . TYR A 1 57  ? -4.737  -0.121  14.116  1.00 21.46  ? 57  TYR A CG  1 
ATOM   401 C CD1 . TYR A 1 57  ? -4.152  -0.817  13.058  1.00 12.76  ? 57  TYR A CD1 1 
ATOM   402 C CD2 . TYR A 1 57  ? -6.069  0.279   14.003  1.00 15.68  ? 57  TYR A CD2 1 
ATOM   403 C CE1 . TYR A 1 57  ? -4.857  -1.089  11.887  1.00 20.85  ? 57  TYR A CE1 1 
ATOM   404 C CE2 . TYR A 1 57  ? -6.805  0.003   12.855  1.00 14.11  ? 57  TYR A CE2 1 
ATOM   405 C CZ  . TYR A 1 57  ? -6.181  -0.670  11.810  1.00 13.23  ? 57  TYR A CZ  1 
ATOM   406 O OH  . TYR A 1 57  ? -6.868  -0.914  10.700  1.00 22.68  ? 57  TYR A OH  1 
ATOM   407 N N   . LYS A 1 58  ? -1.199  1.909   16.657  1.00 18.37  ? 58  LYS A N   1 
ATOM   408 C CA  . LYS A 1 58  ? -0.545  2.330   17.887  1.00 27.14  ? 58  LYS A CA  1 
ATOM   409 C C   . LYS A 1 58  ? 0.099   3.715   17.847  1.00 28.83  ? 58  LYS A C   1 
ATOM   410 O O   . LYS A 1 58  ? 0.416   4.264   18.899  1.00 30.18  ? 58  LYS A O   1 
ATOM   411 C CB  . LYS A 1 58  ? 0.608   1.396   18.224  1.00 38.23  ? 58  LYS A CB  1 
ATOM   412 C CG  . LYS A 1 58  ? 0.186   0.054   18.770  1.00 84.74  ? 58  LYS A CG  1 
ATOM   413 C CD  . LYS A 1 58  ? -1.314  -0.075  18.906  1.00 55.32  ? 58  LYS A CD  1 
ATOM   414 C CE  . LYS A 1 58  ? -1.692  -1.223  19.818  1.00 74.93  ? 58  LYS A CE  1 
ATOM   415 N NZ  . LYS A 1 58  ? -3.028  -1.067  20.407  1.00 74.10  ? 58  LYS A NZ  1 
ATOM   416 N N   . ASN A 1 59  ? 0.386   4.247   16.649  1.00 26.05  ? 59  ASN A N   1 
ATOM   417 C CA  . ASN A 1 59  ? 1.067   5.532   16.518  1.00 20.67  ? 59  ASN A CA  1 
ATOM   418 C C   . ASN A 1 59  ? 0.747   6.229   15.222  1.00 24.60  ? 59  ASN A C   1 
ATOM   419 O O   . ASN A 1 59  ? 0.296   5.621   14.261  1.00 27.50  ? 59  ASN A O   1 
ATOM   420 C CB  . ASN A 1 59  ? 2.599   5.303   16.440  1.00 26.24  ? 59  ASN A CB  1 
ATOM   421 C CG  . ASN A 1 59  ? 3.197   4.508   17.592  1.00 45.14  ? 59  ASN A CG  1 
ATOM   422 O OD1 . ASN A 1 59  ? 3.379   3.269   17.526  1.00 45.75  ? 59  ASN A OD1 1 
ATOM   423 N ND2 . ASN A 1 59  ? 3.520   5.233   18.650  1.00 27.84  ? 59  ASN A ND2 1 
ATOM   424 N N   . ALA A 1 60  ? 1.079   7.505   15.148  1.00 15.69  ? 60  ALA A N   1 
ATOM   425 C CA  . ALA A 1 60  ? 0.908   8.245   13.922  1.00 26.70  ? 60  ALA A CA  1 
ATOM   426 C C   . ALA A 1 60  ? 1.811   7.623   12.867  1.00 22.92  ? 60  ALA A C   1 
ATOM   427 O O   . ALA A 1 60  ? 2.737   6.898   13.213  1.00 21.76  ? 60  ALA A O   1 
ATOM   428 C CB  . ALA A 1 60  ? 1.321   9.697   14.111  1.00 18.39  ? 60  ALA A CB  1 
ATOM   429 N N   . TYR A 1 61  ? 1.548   7.938   11.589  1.00 23.49  ? 61  TYR A N   1 
ATOM   430 C CA  . TYR A 1 61  ? 2.348   7.398   10.508  1.00 16.41  ? 61  TYR A CA  1 
ATOM   431 C C   . TYR A 1 61  ? 2.267   8.250   9.289   1.00 18.89  ? 61  TYR A C   1 
ATOM   432 O O   . TYR A 1 61  ? 1.393   9.065   9.176   1.00 16.04  ? 61  TYR A O   1 
ATOM   433 C CB  . TYR A 1 61  ? 1.968   5.973   10.135  1.00 19.05  ? 61  TYR A CB  1 
ATOM   434 C CG  . TYR A 1 61  ? 0.651   5.844   9.390   1.00 27.62  ? 61  TYR A CG  1 
ATOM   435 C CD1 . TYR A 1 61  ? -0.550  5.719   10.091  1.00 16.78  ? 61  TYR A CD1 1 
ATOM   436 C CD2 . TYR A 1 61  ? 0.602   5.773   7.996   1.00 20.42  ? 61  TYR A CD2 1 
ATOM   437 C CE1 . TYR A 1 61  ? -1.773  5.572   9.440   1.00 24.59  ? 61  TYR A CE1 1 
ATOM   438 C CE2 . TYR A 1 61  ? -0.610  5.609   7.319   1.00 17.30  ? 61  TYR A CE2 1 
ATOM   439 C CZ  . TYR A 1 61  ? -1.797  5.492   8.047   1.00 25.65  ? 61  TYR A CZ  1 
ATOM   440 O OH  . TYR A 1 61  ? -2.993  5.338   7.388   1.00 24.45  ? 61  TYR A OH  1 
ATOM   441 N N   . SER A 1 62  ? 3.207   8.056   8.386   1.00 11.87  ? 62  SER A N   1 
ATOM   442 C CA  . SER A 1 62  ? 3.215   8.784   7.130   1.00 12.40  ? 62  SER A CA  1 
ATOM   443 C C   . SER A 1 62  ? 3.307   7.787   5.992   1.00 22.98  ? 62  SER A C   1 
ATOM   444 O O   . SER A 1 62  ? 4.096   6.844   6.069   1.00 20.66  ? 62  SER A O   1 
ATOM   445 C CB  . SER A 1 62  ? 4.386   9.724   7.037   1.00 15.37  ? 62  SER A CB  1 
ATOM   446 O OG  . SER A 1 62  ? 4.319   10.685  8.069   1.00 26.21  ? 62  SER A OG  1 
ATOM   447 N N   . THR A 1 63  ? 2.492   7.994   4.965   1.00 18.16  ? 63  THR A N   1 
ATOM   448 C CA  . THR A 1 63  ? 2.499   7.142   3.786   1.00 18.46  ? 63  THR A CA  1 
ATOM   449 C C   . THR A 1 63  ? 3.581   7.606   2.816   1.00 22.75  ? 63  THR A C   1 
ATOM   450 O O   . THR A 1 63  ? 3.695   8.787   2.527   1.00 14.45  ? 63  THR A O   1 
ATOM   451 C CB  . THR A 1 63  ? 1.143   7.235   3.090   1.00 23.44  ? 63  THR A CB  1 
ATOM   452 O OG1 . THR A 1 63  ? 0.155   6.829   3.999   1.00 19.11  ? 63  THR A OG1 1 
ATOM   453 C CG2 . THR A 1 63  ? 1.128   6.355   1.870   1.00 22.89  ? 63  THR A CG2 1 
ATOM   454 N N   . VAL A 1 64  ? 4.388   6.670   2.344   1.00 19.46  ? 64  VAL A N   1 
ATOM   455 C CA  . VAL A 1 64  ? 5.467   6.941   1.414   1.00 14.00  ? 64  VAL A CA  1 
ATOM   456 C C   . VAL A 1 64  ? 5.129   6.309   0.092   1.00 26.32  ? 64  VAL A C   1 
ATOM   457 O O   . VAL A 1 64  ? 4.882   5.108   0.052   1.00 21.45  ? 64  VAL A O   1 
ATOM   458 C CB  . VAL A 1 64  ? 6.753   6.249   1.867   1.00 14.07  ? 64  VAL A CB  1 
ATOM   459 C CG1 . VAL A 1 64  ? 7.907   6.595   0.934   1.00 17.14  ? 64  VAL A CG1 1 
ATOM   460 C CG2 . VAL A 1 64  ? 7.132   6.664   3.269   1.00 12.60  ? 64  VAL A CG2 1 
ATOM   461 N N   . SER A 1 65  ? 5.159   7.074   -0.986  1.00 16.38  ? 65  SER A N   1 
ATOM   462 C CA  . SER A 1 65  ? 4.873   6.506   -2.321  1.00 19.85  ? 65  SER A CA  1 
ATOM   463 C C   . SER A 1 65  ? 6.157   5.997   -3.019  1.00 18.40  ? 65  SER A C   1 
ATOM   464 O O   . SER A 1 65  ? 7.204   6.645   -2.926  1.00 23.90  ? 65  SER A O   1 
ATOM   465 C CB  . SER A 1 65  ? 4.152   7.512   -3.200  1.00 23.42  ? 65  SER A CB  1 
ATOM   466 O OG  . SER A 1 65  ? 3.986   6.945   -4.464  1.00 20.95  ? 65  SER A OG  1 
ATOM   467 N N   . CYS A 1 66  ? 6.113   4.829   -3.691  1.00 26.46  ? 66  CYS A N   1 
ATOM   468 C CA  . CYS A 1 66  ? 7.329   4.305   -4.335  1.00 30.35  ? 66  CYS A CA  1 
ATOM   469 C C   . CYS A 1 66  ? 7.406   4.614   -5.797  1.00 23.75  ? 66  CYS A C   1 
ATOM   470 O O   . CYS A 1 66  ? 8.189   4.027   -6.514  1.00 28.81  ? 66  CYS A O   1 
ATOM   471 C CB  . CYS A 1 66  ? 7.590   2.808   -4.110  1.00 15.75  ? 66  CYS A CB  1 
ATOM   472 S SG  . CYS A 1 66  ? 7.625   2.423   -2.342  1.00 22.30  ? 66  CYS A SG  1 
ATOM   473 N N   . GLY A 1 67  ? 6.596   5.550   -6.231  1.00 23.09  ? 67  GLY A N   1 
ATOM   474 C CA  . GLY A 1 67  ? 6.599   5.915   -7.613  1.00 17.58  ? 67  GLY A CA  1 
ATOM   475 C C   . GLY A 1 67  ? 5.768   7.141   -7.925  1.00 26.99  ? 67  GLY A C   1 
ATOM   476 O O   . GLY A 1 67  ? 5.547   8.022   -7.094  1.00 29.78  ? 67  GLY A O   1 
ATOM   477 N N   . ASN A 1 68  ? 5.321   7.175   -9.160  1.00 38.23  ? 68  ASN A N   1 
ATOM   478 C CA  . ASN A 1 68  ? 4.565   8.270   -9.696  1.00 50.01  ? 68  ASN A CA  1 
ATOM   479 C C   . ASN A 1 68  ? 3.080   8.131   -9.514  1.00 38.19  ? 68  ASN A C   1 
ATOM   480 O O   . ASN A 1 68  ? 2.319   8.052   -10.481 1.00 37.36  ? 68  ASN A O   1 
ATOM   481 C CB  . ASN A 1 68  ? 4.871   8.369   -11.179 1.00 63.65  ? 68  ASN A CB  1 
ATOM   482 C CG  . ASN A 1 68  ? 4.519   9.744   -11.618 1.00 94.51  ? 68  ASN A CG  1 
ATOM   483 O OD1 . ASN A 1 68  ? 4.156   9.963   -12.787 1.00 100.00 ? 68  ASN A OD1 1 
ATOM   484 N ND2 . ASN A 1 68  ? 4.555   10.657  -10.645 1.00 100.00 ? 68  ASN A ND2 1 
ATOM   485 N N   . TYR A 1 69  ? 2.686   8.106   -8.266  1.00 25.10  ? 69  TYR A N   1 
ATOM   486 C CA  . TYR A 1 69  ? 1.303   7.954   -7.917  1.00 18.15  ? 69  TYR A CA  1 
ATOM   487 C C   . TYR A 1 69  ? 1.138   8.331   -6.460  1.00 24.68  ? 69  TYR A C   1 
ATOM   488 O O   . TYR A 1 69  ? 2.089   8.523   -5.717  1.00 13.46  ? 69  TYR A O   1 
ATOM   489 C CB  . TYR A 1 69  ? 0.860   6.508   -8.180  1.00 18.55  ? 69  TYR A CB  1 
ATOM   490 C CG  . TYR A 1 69  ? 1.859   5.512   -7.623  1.00 19.19  ? 69  TYR A CG  1 
ATOM   491 C CD1 . TYR A 1 69  ? 1.914   5.219   -6.258  1.00 19.23  ? 69  TYR A CD1 1 
ATOM   492 C CD2 . TYR A 1 69  ? 2.757   4.853   -8.461  1.00 20.03  ? 69  TYR A CD2 1 
ATOM   493 C CE1 . TYR A 1 69  ? 2.825   4.290   -5.761  1.00 20.52  ? 69  TYR A CE1 1 
ATOM   494 C CE2 . TYR A 1 69  ? 3.649   3.889   -7.986  1.00 22.40  ? 69  TYR A CE2 1 
ATOM   495 C CZ  . TYR A 1 69  ? 3.676   3.596   -6.622  1.00 23.01  ? 69  TYR A CZ  1 
ATOM   496 O OH  . TYR A 1 69  ? 4.571   2.671   -6.115  1.00 20.83  ? 69  TYR A OH  1 
ATOM   497 N N   . GLY A 1 70  ? -0.085  8.461   -6.039  1.00 14.97  ? 70  GLY A N   1 
ATOM   498 C CA  . GLY A 1 70  ? -0.274  8.797   -4.657  1.00 11.50  ? 70  GLY A CA  1 
ATOM   499 C C   . GLY A 1 70  ? -1.080  7.704   -4.031  1.00 22.35  ? 70  GLY A C   1 
ATOM   500 O O   . GLY A 1 70  ? -1.826  7.044   -4.712  1.00 17.85  ? 70  GLY A O   1 
ATOM   501 N N   . VAL A 1 71  ? -0.909  7.477   -2.742  1.00 17.90  ? 71  VAL A N   1 
ATOM   502 C CA  . VAL A 1 71  ? -1.666  6.428   -2.103  1.00 12.20  ? 71  VAL A CA  1 
ATOM   503 C C   . VAL A 1 71  ? -2.347  6.998   -0.892  1.00 26.84  ? 71  VAL A C   1 
ATOM   504 O O   . VAL A 1 71  ? -1.713  7.710   -0.111  1.00 19.54  ? 71  VAL A O   1 
ATOM   505 C CB  . VAL A 1 71  ? -0.733  5.295   -1.673  1.00 21.96  ? 71  VAL A CB  1 
ATOM   506 C CG1 . VAL A 1 71  ? -1.476  4.264   -0.854  1.00 12.02  ? 71  VAL A CG1 1 
ATOM   507 C CG2 . VAL A 1 71  ? -0.136  4.617   -2.891  1.00 20.21  ? 71  VAL A CG2 1 
ATOM   508 N N   . LEU A 1 72  ? -3.642  6.681   -0.772  1.00 15.53  ? 72  LEU A N   1 
ATOM   509 C CA  . LEU A 1 72  ? -4.460  7.076   0.356   1.00 15.23  ? 72  LEU A CA  1 
ATOM   510 C C   . LEU A 1 72  ? -4.716  5.880   1.275   1.00 13.47  ? 72  LEU A C   1 
ATOM   511 O O   . LEU A 1 72  ? -5.318  4.918   0.845   1.00 18.28  ? 72  LEU A O   1 
ATOM   512 C CB  . LEU A 1 72  ? -5.784  7.712   -0.115  1.00 15.10  ? 72  LEU A CB  1 
ATOM   513 C CG  . LEU A 1 72  ? -6.856  7.786   0.987   1.00 21.51  ? 72  LEU A CG  1 
ATOM   514 C CD1 . LEU A 1 72  ? -6.437  8.811   2.047   1.00 18.21  ? 72  LEU A CD1 1 
ATOM   515 C CD2 . LEU A 1 72  ? -8.199  8.211   0.398   1.00 13.70  ? 72  LEU A CD2 1 
ATOM   516 N N   . CYS A 1 73  ? -4.254  5.922   2.540   1.00 19.75  ? 73  CYS A N   1 
ATOM   517 C CA  . CYS A 1 73  ? -4.473  4.835   3.531   1.00 12.03  ? 73  CYS A CA  1 
ATOM   518 C C   . CYS A 1 73  ? -5.406  5.289   4.624   1.00 21.75  ? 73  CYS A C   1 
ATOM   519 O O   . CYS A 1 73  ? -5.357  6.425   5.069   1.00 22.21  ? 73  CYS A O   1 
ATOM   520 C CB  . CYS A 1 73  ? -3.203  4.447   4.290   1.00 23.51  ? 73  CYS A CB  1 
ATOM   521 S SG  . CYS A 1 73  ? -1.938  3.900   3.164   1.00 25.66  ? 73  CYS A SG  1 
ATOM   522 N N   . ASN A 1 74  ? -6.228  4.377   5.092   1.00 12.53  ? 74  ASN A N   1 
ATOM   523 C CA  . ASN A 1 74  ? -7.106  4.720   6.188   1.00 13.93  ? 74  ASN A CA  1 
ATOM   524 C C   . ASN A 1 74  ? -7.073  3.549   7.136   1.00 16.87  ? 74  ASN A C   1 
ATOM   525 O O   . ASN A 1 74  ? -7.044  2.413   6.668   1.00 19.14  ? 74  ASN A O   1 
ATOM   526 C CB  . ASN A 1 74  ? -8.569  4.788   5.713   1.00 12.81  ? 74  ASN A CB  1 
ATOM   527 C CG  . ASN A 1 74  ? -9.115  6.132   5.263   1.00 23.53  ? 74  ASN A CG  1 
ATOM   528 O OD1 . ASN A 1 74  ? -10.288 6.209   4.924   1.00 29.74  ? 74  ASN A OD1 1 
ATOM   529 N ND2 . ASN A 1 74  ? -8.322  7.188   5.227   1.00 17.13  ? 74  ASN A ND2 1 
ATOM   530 N N   . LEU A 1 75  ? -7.130  3.782   8.437   1.00 21.85  ? 75  LEU A N   1 
ATOM   531 C CA  . LEU A 1 75  ? -7.220  2.656   9.362   1.00 14.56  ? 75  LEU A CA  1 
ATOM   532 C C   . LEU A 1 75  ? -8.670  2.156   9.231   1.00 21.09  ? 75  LEU A C   1 
ATOM   533 O O   . LEU A 1 75  ? -9.474  2.839   8.594   1.00 19.97  ? 75  LEU A O   1 
ATOM   534 C CB  . LEU A 1 75  ? -6.935  3.048   10.827  1.00 15.24  ? 75  LEU A CB  1 
ATOM   535 C CG  . LEU A 1 75  ? -5.547  3.669   11.086  1.00 16.39  ? 75  LEU A CG  1 
ATOM   536 C CD1 . LEU A 1 75  ? -5.404  4.024   12.565  1.00 18.92  ? 75  LEU A CD1 1 
ATOM   537 C CD2 . LEU A 1 75  ? -4.442  2.702   10.738  1.00 12.42  ? 75  LEU A CD2 1 
ATOM   538 N N   . VAL A 1 76  ? -9.005  0.968   9.788   1.00 18.04  ? 76  VAL A N   1 
ATOM   539 C CA  . VAL A 1 76  ? -10.365 0.438   9.742   1.00 17.45  ? 76  VAL A CA  1 
ATOM   540 C C   . VAL A 1 76  ? -10.953 0.383   11.147  1.00 28.38  ? 76  VAL A C   1 
ATOM   541 O O   . VAL A 1 76  ? -10.254 0.140   12.134  1.00 23.58  ? 76  VAL A O   1 
ATOM   542 C CB  . VAL A 1 76  ? -10.538 -0.857  8.959   1.00 25.60  ? 76  VAL A CB  1 
ATOM   543 C CG1 . VAL A 1 76  ? -9.621  -0.867  7.736   1.00 22.76  ? 76  VAL A CG1 1 
ATOM   544 C CG2 . VAL A 1 76  ? -10.123 -1.991  9.868   1.00 47.58  ? 76  VAL A CG2 1 
ATOM   545 N N   . GLN A 1 77  ? -12.227 0.667   11.274  1.00 25.42  ? 77  GLN A N   1 
ATOM   546 C CA  . GLN A 1 77  ? -12.828 0.707   12.594  1.00 20.20  ? 77  GLN A CA  1 
ATOM   547 C C   . GLN A 1 77  ? -12.629 -0.586  13.387  1.00 36.26  ? 77  GLN A C   1 
ATOM   548 O O   . GLN A 1 77  ? -12.187 -0.641  14.538  1.00 46.65  ? 77  GLN A O   1 
ATOM   549 C CB  . GLN A 1 77  ? -14.311 0.966   12.411  1.00 27.07  ? 77  GLN A CB  1 
ATOM   550 C CG  . GLN A 1 77  ? -14.996 1.579   13.638  1.00 27.04  ? 77  GLN A CG  1 
ATOM   551 C CD  . GLN A 1 77  ? -16.505 1.684   13.431  1.00 32.38  ? 77  GLN A CD  1 
ATOM   552 O OE1 . GLN A 1 77  ? -17.176 2.459   14.125  1.00 100.00 ? 77  GLN A OE1 1 
ATOM   553 N NE2 . GLN A 1 77  ? -17.042 0.936   12.450  1.00 43.34  ? 77  GLN A NE2 1 
ATOM   554 N N   . ASN A 1 78  ? -12.965 -1.657  12.732  1.00 30.80  ? 78  ASN A N   1 
ATOM   555 C CA  . ASN A 1 78  ? -12.887 -2.967  13.327  1.00 100.00 ? 78  ASN A CA  1 
ATOM   556 C C   . ASN A 1 78  ? -11.526 -3.664  13.313  1.00 51.56  ? 78  ASN A C   1 
ATOM   557 O O   . ASN A 1 78  ? -11.072 -4.147  12.280  1.00 100.00 ? 78  ASN A O   1 
ATOM   558 C CB  . ASN A 1 78  ? -13.899 -3.859  12.605  1.00 100.00 ? 78  ASN A CB  1 
ATOM   559 C CG  . ASN A 1 78  ? -14.677 -4.696  13.580  1.00 100.00 ? 78  ASN A CG  1 
ATOM   560 O OD1 . ASN A 1 78  ? -15.187 -5.791  13.240  1.00 100.00 ? 78  ASN A OD1 1 
ATOM   561 N ND2 . ASN A 1 78  ? -14.788 -4.146  14.801  1.00 100.00 ? 78  ASN A ND2 1 
ATOM   562 N N   . GLY A 1 79  ? -10.887 -3.795  14.450  1.00 59.50  ? 79  GLY A N   1 
ATOM   563 C CA  . GLY A 1 79  ? -9.651  -4.545  14.436  1.00 85.58  ? 79  GLY A CA  1 
ATOM   564 C C   . GLY A 1 79  ? -8.457  -3.821  13.852  1.00 44.41  ? 79  GLY A C   1 
ATOM   565 O O   . GLY A 1 79  ? -8.578  -2.943  12.992  1.00 54.16  ? 79  GLY A O   1 
ATOM   566 N N   . GLU A 1 80  ? -7.305  -4.301  14.348  1.00 41.77  ? 80  GLU A N   1 
ATOM   567 C CA  . GLU A 1 80  ? -5.946  -3.825  14.102  1.00 27.29  ? 80  GLU A CA  1 
ATOM   568 C C   . GLU A 1 80  ? -5.099  -4.583  13.081  1.00 18.20  ? 80  GLU A C   1 
ATOM   569 O O   . GLU A 1 80  ? -3.864  -4.432  13.054  1.00 31.31  ? 80  GLU A O   1 
ATOM   570 C CB  . GLU A 1 80  ? -5.172  -3.812  15.435  1.00 38.77  ? 80  GLU A CB  1 
ATOM   571 C CG  . GLU A 1 80  ? -6.010  -3.307  16.625  1.00 70.62  ? 80  GLU A CG  1 
ATOM   572 C CD  . GLU A 1 80  ? -5.177  -2.572  17.636  1.00 100.00 ? 80  GLU A CD  1 
ATOM   573 O OE1 . GLU A 1 80  ? -3.979  -3.098  17.793  1.00 73.01  ? 80  GLU A OE1 1 
ATOM   574 O OE2 . GLU A 1 80  ? -5.578  -1.583  18.233  1.00 100.00 ? 80  GLU A OE2 1 
ATOM   575 N N   . TYR A 1 81  ? -5.744  -5.385  12.238  1.00 22.93  ? 81  TYR A N   1 
ATOM   576 C CA  . TYR A 1 81  ? -4.980  -6.148  11.293  1.00 21.74  ? 81  TYR A CA  1 
ATOM   577 C C   . TYR A 1 81  ? -5.411  -5.873  9.893   1.00 31.64  ? 81  TYR A C   1 
ATOM   578 O O   . TYR A 1 81  ? -5.190  -6.710  9.031   1.00 24.27  ? 81  TYR A O   1 
ATOM   579 C CB  . TYR A 1 81  ? -5.084  -7.671  11.555  1.00 27.68  ? 81  TYR A CB  1 
ATOM   580 C CG  . TYR A 1 81  ? -4.848  -8.081  12.999  1.00 22.54  ? 81  TYR A CG  1 
ATOM   581 C CD1 . TYR A 1 81  ? -3.635  -7.823  13.630  1.00 31.63  ? 81  TYR A CD1 1 
ATOM   582 C CD2 . TYR A 1 81  ? -5.841  -8.728  13.734  1.00 35.64  ? 81  TYR A CD2 1 
ATOM   583 C CE1 . TYR A 1 81  ? -3.416  -8.194  14.955  1.00 38.83  ? 81  TYR A CE1 1 
ATOM   584 C CE2 . TYR A 1 81  ? -5.629  -9.131  15.050  1.00 19.88  ? 81  TYR A CE2 1 
ATOM   585 C CZ  . TYR A 1 81  ? -4.408  -8.862  15.663  1.00 35.01  ? 81  TYR A CZ  1 
ATOM   586 O OH  . TYR A 1 81  ? -4.170  -9.217  16.969  1.00 66.52  ? 81  TYR A OH  1 
ATOM   587 N N   . ASP A 1 82  ? -6.044  -4.733  9.677   1.00 23.61  ? 82  ASP A N   1 
ATOM   588 C CA  . ASP A 1 82  ? -6.447  -4.429  8.335   1.00 17.07  ? 82  ASP A CA  1 
ATOM   589 C C   . ASP A 1 82  ? -6.107  -3.021  7.959   1.00 18.37  ? 82  ASP A C   1 
ATOM   590 O O   . ASP A 1 82  ? -5.807  -2.192  8.803   1.00 19.32  ? 82  ASP A O   1 
ATOM   591 C CB  . ASP A 1 82  ? -7.933  -4.607  8.168   1.00 22.77  ? 82  ASP A CB  1 
ATOM   592 C CG  . ASP A 1 82  ? -8.282  -6.049  8.101   1.00 33.48  ? 82  ASP A CG  1 
ATOM   593 O OD1 . ASP A 1 82  ? -7.909  -6.611  6.967   1.00 35.34  ? 82  ASP A OD1 1 
ATOM   594 O OD2 . ASP A 1 82  ? -8.848  -6.612  9.015   1.00 35.81  ? 82  ASP A OD2 1 
ATOM   595 N N   . LEU A 1 83  ? -6.208  -2.758  6.692   1.00 17.15  ? 83  LEU A N   1 
ATOM   596 C CA  . LEU A 1 83  ? -5.933  -1.433  6.214   1.00 16.49  ? 83  LEU A CA  1 
ATOM   597 C C   . LEU A 1 83  ? -6.661  -1.214  4.896   1.00 17.84  ? 83  LEU A C   1 
ATOM   598 O O   . LEU A 1 83  ? -6.765  -2.119  4.104   1.00 18.76  ? 83  LEU A O   1 
ATOM   599 C CB  . LEU A 1 83  ? -4.427  -1.261  6.014   1.00 13.78  ? 83  LEU A CB  1 
ATOM   600 C CG  . LEU A 1 83  ? -3.974  0.177   5.768   1.00 21.48  ? 83  LEU A CG  1 
ATOM   601 C CD1 . LEU A 1 83  ? -4.048  0.939   7.081   1.00 21.20  ? 83  LEU A CD1 1 
ATOM   602 C CD2 . LEU A 1 83  ? -2.515  0.158   5.270   1.00 15.64  ? 83  LEU A CD2 1 
ATOM   603 N N   . ASN A 1 84  ? -7.175  0.000   4.692   1.00 26.56  ? 84  ASN A N   1 
ATOM   604 C CA  . ASN A 1 84  ? -7.811  0.403   3.453   1.00 14.06  ? 84  ASN A CA  1 
ATOM   605 C C   . ASN A 1 84  ? -6.807  1.240   2.673   1.00 18.63  ? 84  ASN A C   1 
ATOM   606 O O   . ASN A 1 84  ? -6.101  2.050   3.253   1.00 18.99  ? 84  ASN A O   1 
ATOM   607 C CB  . ASN A 1 84  ? -9.088  1.282   3.630   1.00 27.71  ? 84  ASN A CB  1 
ATOM   608 C CG  . ASN A 1 84  ? -10.361 0.524   3.935   1.00 26.70  ? 84  ASN A CG  1 
ATOM   609 O OD1 . ASN A 1 84  ? -10.356 -0.724  4.020   1.00 43.72  ? 84  ASN A OD1 1 
ATOM   610 N ND2 . ASN A 1 84  ? -11.443 1.272   4.135   1.00 39.09  ? 84  ASN A ND2 1 
ATOM   611 N N   . ALA A 1 85  ? -6.779  1.084   1.347   1.00 17.95  ? 85  ALA A N   1 
ATOM   612 C CA  . ALA A 1 85  ? -5.880  1.849   0.554   1.00 21.11  ? 85  ALA A CA  1 
ATOM   613 C C   . ALA A 1 85  ? -6.398  1.967   -0.863  1.00 24.78  ? 85  ALA A C   1 
ATOM   614 O O   . ALA A 1 85  ? -6.975  1.027   -1.417  1.00 16.98  ? 85  ALA A O   1 
ATOM   615 C CB  . ALA A 1 85  ? -4.444  1.283   0.630   1.00 8.50   ? 85  ALA A CB  1 
ATOM   616 N N   . ILE A 1 86  ? -6.211  3.154   -1.419  1.00 22.93  ? 86  ILE A N   1 
ATOM   617 C CA  . ILE A 1 86  ? -6.583  3.509   -2.760  1.00 15.58  ? 86  ILE A CA  1 
ATOM   618 C C   . ILE A 1 86  ? -5.393  4.129   -3.426  1.00 15.98  ? 86  ILE A C   1 
ATOM   619 O O   . ILE A 1 86  ? -4.755  4.970   -2.838  1.00 20.20  ? 86  ILE A O   1 
ATOM   620 C CB  . ILE A 1 86  ? -7.743  4.490   -2.798  1.00 24.07  ? 86  ILE A CB  1 
ATOM   621 C CG1 . ILE A 1 86  ? -8.900  3.921   -1.995  1.00 18.97  ? 86  ILE A CG1 1 
ATOM   622 C CG2 . ILE A 1 86  ? -8.199  4.708   -4.261  1.00 14.28  ? 86  ILE A CG2 1 
ATOM   623 C CD1 . ILE A 1 86  ? -10.150 4.779   -2.049  1.00 25.85  ? 86  ILE A CD1 1 
ATOM   624 N N   . MET A 1 87  ? -5.116  3.731   -4.659  1.00 22.54  ? 87  MET A N   1 
ATOM   625 C CA  . MET A 1 87  ? -4.023  4.287   -5.398  1.00 20.80  ? 87  MET A CA  1 
ATOM   626 C C   . MET A 1 87  ? -4.510  5.260   -6.466  1.00 19.89  ? 87  MET A C   1 
ATOM   627 O O   . MET A 1 87  ? -5.446  4.961   -7.222  1.00 22.83  ? 87  MET A O   1 
ATOM   628 C CB  . MET A 1 87  ? -3.193  3.174   -6.079  1.00 19.77  ? 87  MET A CB  1 
ATOM   629 C CG  . MET A 1 87  ? -2.234  3.773   -7.099  1.00 15.21  ? 87  MET A CG  1 
ATOM   630 S SD  . MET A 1 87  ? -1.241  2.553   -8.022  1.00 31.40  ? 87  MET A SD  1 
ATOM   631 C CE  . MET A 1 87  ? -2.473  2.145   -9.282  1.00 70.97  ? 87  MET A CE  1 
ATOM   632 N N   . PHE A 1 88  ? -3.856  6.428   -6.563  1.00 17.07  ? 88  PHE A N   1 
ATOM   633 C CA  . PHE A 1 88  ? -4.151  7.437   -7.600  1.00 21.54  ? 88  PHE A CA  1 
ATOM   634 C C   . PHE A 1 88  ? -2.967  7.540   -8.508  1.00 23.41  ? 88  PHE A C   1 
ATOM   635 O O   . PHE A 1 88  ? -1.948  8.134   -8.188  1.00 19.09  ? 88  PHE A O   1 
ATOM   636 C CB  . PHE A 1 88  ? -4.516  8.838   -7.099  1.00 18.46  ? 88  PHE A CB  1 
ATOM   637 C CG  . PHE A 1 88  ? -5.671  8.753   -6.137  1.00 20.45  ? 88  PHE A CG  1 
ATOM   638 C CD1 . PHE A 1 88  ? -5.470  8.547   -4.774  1.00 21.06  ? 88  PHE A CD1 1 
ATOM   639 C CD2 . PHE A 1 88  ? -6.979  8.827   -6.601  1.00 22.08  ? 88  PHE A CD2 1 
ATOM   640 C CE1 . PHE A 1 88  ? -6.542  8.453   -3.890  1.00 19.96  ? 88  PHE A CE1 1 
ATOM   641 C CE2 . PHE A 1 88  ? -8.068  8.746   -5.736  1.00 17.56  ? 88  PHE A CE2 1 
ATOM   642 C CZ  . PHE A 1 88  ? -7.844  8.545   -4.379  1.00 21.65  ? 88  PHE A CZ  1 
ATOM   643 N N   . ASN A 1 89  ? -3.114  6.915   -9.643  1.00 21.49  ? 89  ASN A N   1 
ATOM   644 C CA  . ASN A 1 89  ? -2.037  6.872   -10.629 1.00 18.32  ? 89  ASN A CA  1 
ATOM   645 C C   . ASN A 1 89  ? -1.976  8.117   -11.419 1.00 38.27  ? 89  ASN A C   1 
ATOM   646 O O   . ASN A 1 89  ? -3.008  8.637   -11.836 1.00 35.56  ? 89  ASN A O   1 
ATOM   647 C CB  . ASN A 1 89  ? -2.190  5.721   -11.640 1.00 28.59  ? 89  ASN A CB  1 
ATOM   648 C CG  . ASN A 1 89  ? -3.395  5.967   -12.532 1.00 44.79  ? 89  ASN A CG  1 
ATOM   649 O OD1 . ASN A 1 89  ? -4.557  5.795   -12.122 1.00 46.04  ? 89  ASN A OD1 1 
ATOM   650 N ND2 . ASN A 1 89  ? -3.128  6.403   -13.754 1.00 66.84  ? 89  ASN A ND2 1 
ATOM   651 N N   . CYS A 1 90  ? -0.732  8.512   -11.655 1.00 34.43  ? 90  CYS A N   1 
ATOM   652 C CA  . CYS A 1 90  ? -0.396  9.673   -12.416 1.00 49.12  ? 90  CYS A CA  1 
ATOM   653 C C   . CYS A 1 90  ? -0.075  9.306   -13.854 1.00 39.58  ? 90  CYS A C   1 
ATOM   654 O O   . CYS A 1 90  ? -0.546  9.949   -14.789 1.00 98.68  ? 90  CYS A O   1 
ATOM   655 C CB  . CYS A 1 90  ? 0.703   10.496  -11.706 1.00 34.72  ? 90  CYS A CB  1 
ATOM   656 S SG  . CYS A 1 90  ? 0.165   11.070  -10.042 1.00 48.51  ? 90  CYS A SG  1 
ATOM   657 N N   . ALA A 1 91  ? 0.672   8.219   -14.030 1.00 99.59  ? 91  ALA A N   1 
ATOM   658 C CA  . ALA A 1 91  ? 1.073   7.732   -15.339 1.00 52.77  ? 91  ALA A CA  1 
ATOM   659 C C   . ALA A 1 91  ? 0.426   6.377   -15.666 1.00 54.32  ? 91  ALA A C   1 
ATOM   660 O O   . ALA A 1 91  ? -0.576  6.003   -15.071 1.00 48.69  ? 91  ALA A O   1 
ATOM   661 C CB  . ALA A 1 91  ? 2.606   7.623   -15.336 1.00 37.89  ? 91  ALA A CB  1 
ATOM   662 N N   . GLU A 1 92  ? 1.003   5.626   -16.609 1.00 38.80  ? 92  GLU A N   1 
ATOM   663 C CA  . GLU A 1 92  ? 0.479   4.309   -16.907 1.00 54.26  ? 92  GLU A CA  1 
ATOM   664 C C   . GLU A 1 92  ? 0.963   3.355   -15.836 1.00 49.69  ? 92  GLU A C   1 
ATOM   665 O O   . GLU A 1 92  ? 2.043   3.542   -15.295 1.00 53.68  ? 92  GLU A O   1 
ATOM   666 C CB  . GLU A 1 92  ? 0.875   3.786   -18.288 1.00 31.85  ? 92  GLU A CB  1 
ATOM   667 C CG  . GLU A 1 92  ? 2.394   3.669   -18.477 1.00 100.00 ? 92  GLU A CG  1 
ATOM   668 C CD  . GLU A 1 92  ? 2.740   2.848   -19.692 1.00 100.00 ? 92  GLU A CD  1 
ATOM   669 O OE1 . GLU A 1 92  ? 1.768   2.009   -20.018 1.00 100.00 ? 92  GLU A OE1 1 
ATOM   670 O OE2 . GLU A 1 92  ? 3.809   2.943   -20.290 1.00 100.00 ? 92  GLU A OE2 1 
ATOM   671 N N   . ILE A 1 93  ? 0.148   2.341   -15.513 1.00 58.85  ? 93  ILE A N   1 
ATOM   672 C CA  . ILE A 1 93  ? 0.465   1.376   -14.462 1.00 36.15  ? 93  ILE A CA  1 
ATOM   673 C C   . ILE A 1 93  ? 1.277   0.156   -14.950 1.00 33.31  ? 93  ILE A C   1 
ATOM   674 O O   . ILE A 1 93  ? 0.784   -0.709  -15.677 1.00 42.00  ? 93  ILE A O   1 
ATOM   675 C CB  . ILE A 1 93  ? -0.802  0.929   -13.706 1.00 42.49  ? 93  ILE A CB  1 
ATOM   676 C CG1 . ILE A 1 93  ? -1.749  2.096   -13.444 1.00 38.97  ? 93  ILE A CG1 1 
ATOM   677 C CG2 . ILE A 1 93  ? -0.444  0.267   -12.384 1.00 24.85  ? 93  ILE A CG2 1 
ATOM   678 C CD1 . ILE A 1 93  ? -3.033  1.690   -12.734 1.00 32.20  ? 93  ILE A CD1 1 
ATOM   679 N N   . LYS A 1 94  ? 2.535   0.098   -14.526 1.00 25.90  ? 94  LYS A N   1 
ATOM   680 C CA  . LYS A 1 94  ? 3.424   -1.008  -14.851 1.00 26.05  ? 94  LYS A CA  1 
ATOM   681 C C   . LYS A 1 94  ? 4.057   -1.510  -13.546 1.00 30.12  ? 94  LYS A C   1 
ATOM   682 O O   . LYS A 1 94  ? 5.160   -1.143  -13.172 1.00 33.03  ? 94  LYS A O   1 
ATOM   683 C CB  . LYS A 1 94  ? 4.381   -0.653  -16.003 1.00 40.43  ? 94  LYS A CB  1 
ATOM   684 C CG  . LYS A 1 94  ? 5.886   -0.889  -15.794 1.00 100.00 ? 94  LYS A CG  1 
ATOM   685 C CD  . LYS A 1 94  ? 6.813   -0.173  -16.814 1.00 100.00 ? 94  LYS A CD  1 
ATOM   686 C CE  . LYS A 1 94  ? 8.318   -0.516  -16.682 1.00 100.00 ? 94  LYS A CE  1 
ATOM   687 N NZ  . LYS A 1 94  ? 9.212   0.073   -17.715 1.00 100.00 ? 94  LYS A NZ  1 
ATOM   688 N N   . LEU A 1 95  ? 3.281   -2.303  -12.789 1.00 29.38  ? 95  LEU A N   1 
ATOM   689 C CA  . LEU A 1 95  ? 3.733   -2.845  -11.509 1.00 28.11  ? 95  LEU A CA  1 
ATOM   690 C C   . LEU A 1 95  ? 4.141   -4.284  -11.588 1.00 23.86  ? 95  LEU A C   1 
ATOM   691 O O   . LEU A 1 95  ? 3.338   -5.159  -11.891 1.00 20.99  ? 95  LEU A O   1 
ATOM   692 C CB  . LEU A 1 95  ? 2.706   -2.737  -10.373 1.00 17.48  ? 95  LEU A CB  1 
ATOM   693 C CG  . LEU A 1 95  ? 2.060   -1.368  -10.320 1.00 27.97  ? 95  LEU A CG  1 
ATOM   694 C CD1 . LEU A 1 95  ? 0.767   -1.438  -9.523  1.00 22.90  ? 95  LEU A CD1 1 
ATOM   695 C CD2 . LEU A 1 95  ? 3.037   -0.448  -9.618  1.00 25.79  ? 95  LEU A CD2 1 
ATOM   696 N N   . ASN A 1 96  ? 5.377   -4.527  -11.237 1.00 16.79  ? 96  ASN A N   1 
ATOM   697 C CA  . ASN A 1 96  ? 5.865   -5.878  -11.241 1.00 24.40  ? 96  ASN A CA  1 
ATOM   698 C C   . ASN A 1 96  ? 5.638   -6.590  -9.923  1.00 32.25  ? 96  ASN A C   1 
ATOM   699 O O   . ASN A 1 96  ? 5.606   -6.022  -8.825  1.00 30.02  ? 96  ASN A O   1 
ATOM   700 C CB  . ASN A 1 96  ? 7.340   -5.962  -11.616 1.00 27.99  ? 96  ASN A CB  1 
ATOM   701 C CG  . ASN A 1 96  ? 7.579   -5.304  -12.937 1.00 29.98  ? 96  ASN A CG  1 
ATOM   702 O OD1 . ASN A 1 96  ? 7.926   -4.121  -13.018 1.00 81.47  ? 96  ASN A OD1 1 
ATOM   703 N ND2 . ASN A 1 96  ? 7.323   -6.062  -13.984 1.00 44.73  ? 96  ASN A ND2 1 
ATOM   704 N N   . LYS A 1 97  ? 5.506   -7.888  -10.060 1.00 30.93  ? 97  LYS A N   1 
ATOM   705 C CA  . LYS A 1 97  ? 5.319   -8.724  -8.929  1.00 19.38  ? 97  LYS A CA  1 
ATOM   706 C C   . LYS A 1 97  ? 6.497   -8.547  -8.004  1.00 21.69  ? 97  LYS A C   1 
ATOM   707 O O   . LYS A 1 97  ? 7.623   -8.530  -8.444  1.00 24.27  ? 97  LYS A O   1 
ATOM   708 C CB  . LYS A 1 97  ? 5.341   -10.133 -9.413  1.00 19.36  ? 97  LYS A CB  1 
ATOM   709 C CG  . LYS A 1 97  ? 5.513   -11.173 -8.317  1.00 36.25  ? 97  LYS A CG  1 
ATOM   710 C CD  . LYS A 1 97  ? 5.138   -12.562 -8.818  1.00 30.08  ? 97  LYS A CD  1 
ATOM   711 C CE  . LYS A 1 97  ? 5.149   -13.638 -7.755  1.00 40.53  ? 97  LYS A CE  1 
ATOM   712 N NZ  . LYS A 1 97  ? 3.918   -13.656 -6.934  1.00 100.00 ? 97  LYS A NZ  1 
ATOM   713 N N   . GLY A 1 98  ? 6.264   -8.466  -6.712  1.00 25.21  ? 98  GLY A N   1 
ATOM   714 C CA  . GLY A 1 98  ? 7.382   -8.341  -5.819  1.00 16.04  ? 98  GLY A CA  1 
ATOM   715 C C   . GLY A 1 98  ? 7.905   -6.928  -5.700  1.00 20.99  ? 98  GLY A C   1 
ATOM   716 O O   . GLY A 1 98  ? 8.778   -6.653  -4.895  1.00 30.32  ? 98  GLY A O   1 
ATOM   717 N N   . GLN A 1 99  ? 7.323   -6.031  -6.492  1.00 20.79  ? 99  GLN A N   1 
ATOM   718 C CA  . GLN A 1 99  ? 7.693   -4.629  -6.442  1.00 26.13  ? 99  GLN A CA  1 
ATOM   719 C C   . GLN A 1 99  ? 7.100   -3.990  -5.191  1.00 25.92  ? 99  GLN A C   1 
ATOM   720 O O   . GLN A 1 99  ? 6.048   -4.392  -4.731  1.00 18.68  ? 99  GLN A O   1 
ATOM   721 C CB  . GLN A 1 99  ? 7.051   -3.964  -7.680  1.00 28.51  ? 99  GLN A CB  1 
ATOM   722 C CG  . GLN A 1 99  ? 7.365   -2.477  -7.874  1.00 36.29  ? 99  GLN A CG  1 
ATOM   723 C CD  . GLN A 1 99  ? 7.116   -1.968  -9.311  1.00 38.82  ? 99  GLN A CD  1 
ATOM   724 O OE1 . GLN A 1 99  ? 7.299   -2.688  -10.315 1.00 41.44  ? 99  GLN A OE1 1 
ATOM   725 N NE2 . GLN A 1 99  ? 6.714   -0.700  -9.416  1.00 53.44  ? 99  GLN A NE2 1 
ATOM   726 N N   . MET A 1 100 ? 7.771   -2.993  -4.647  1.00 25.30  ? 100 MET A N   1 
ATOM   727 C CA  . MET A 1 100 ? 7.252   -2.273  -3.486  1.00 21.59  ? 100 MET A CA  1 
ATOM   728 C C   . MET A 1 100 ? 6.341   -1.168  -3.958  1.00 20.00  ? 100 MET A C   1 
ATOM   729 O O   . MET A 1 100 ? 6.739   -0.328  -4.756  1.00 27.43  ? 100 MET A O   1 
ATOM   730 C CB  . MET A 1 100 ? 8.378   -1.650  -2.689  1.00 19.35  ? 100 MET A CB  1 
ATOM   731 C CG  . MET A 1 100 ? 7.941   -1.164  -1.339  1.00 26.62  ? 100 MET A CG  1 
ATOM   732 S SD  . MET A 1 100 ? 9.398   -0.829  -0.318  1.00 33.38  ? 100 MET A SD  1 
ATOM   733 C CE  . MET A 1 100 ? 10.327  -2.370  -0.432  1.00 35.93  ? 100 MET A CE  1 
ATOM   734 N N   . LEU A 1 101 ? 5.114   -1.162  -3.486  1.00 17.25  ? 101 LEU A N   1 
ATOM   735 C CA  . LEU A 1 101 ? 4.150   -0.165  -3.904  1.00 15.32  ? 101 LEU A CA  1 
ATOM   736 C C   . LEU A 1 101 ? 4.236   1.074   -3.056  1.00 17.80  ? 101 LEU A C   1 
ATOM   737 O O   . LEU A 1 101 ? 4.243   2.215   -3.528  1.00 23.39  ? 101 LEU A O   1 
ATOM   738 C CB  . LEU A 1 101 ? 2.706   -0.753  -3.859  1.00 11.67  ? 101 LEU A CB  1 
ATOM   739 C CG  . LEU A 1 101 ? 1.675   0.163   -4.483  1.00 15.03  ? 101 LEU A CG  1 
ATOM   740 C CD1 . LEU A 1 101 ? 1.941   0.345   -5.971  1.00 21.18  ? 101 LEU A CD1 1 
ATOM   741 C CD2 . LEU A 1 101 ? 0.275   -0.371  -4.252  1.00 13.42  ? 101 LEU A CD2 1 
ATOM   742 N N   . PHE A 1 102 ? 4.255   0.824   -1.777  1.00 23.67  ? 102 PHE A N   1 
ATOM   743 C CA  . PHE A 1 102 ? 4.338   1.896   -0.854  1.00 17.42  ? 102 PHE A CA  1 
ATOM   744 C C   . PHE A 1 102 ? 4.785   1.384   0.484   1.00 17.94  ? 102 PHE A C   1 
ATOM   745 O O   . PHE A 1 102 ? 4.884   0.167   0.667   1.00 20.94  ? 102 PHE A O   1 
ATOM   746 C CB  . PHE A 1 102 ? 3.010   2.648   -0.774  1.00 10.84  ? 102 PHE A CB  1 
ATOM   747 C CG  . PHE A 1 102 ? 1.875   1.918   -0.048  1.00 20.75  ? 102 PHE A CG  1 
ATOM   748 C CD1 . PHE A 1 102 ? 1.011   1.077   -0.757  1.00 12.64  ? 102 PHE A CD1 1 
ATOM   749 C CD2 . PHE A 1 102 ? 1.641   2.087   1.322   1.00 15.86  ? 102 PHE A CD2 1 
ATOM   750 C CE1 . PHE A 1 102 ? -0.040  0.387   -0.144  1.00 16.27  ? 102 PHE A CE1 1 
ATOM   751 C CE2 . PHE A 1 102 ? 0.597   1.410   1.960   1.00 15.77  ? 102 PHE A CE2 1 
ATOM   752 C CZ  . PHE A 1 102 ? -0.247  0.570   1.226   1.00 16.77  ? 102 PHE A CZ  1 
ATOM   753 N N   . GLN A 1 103 ? 5.083   2.344   1.382   1.00 16.06  ? 103 GLN A N   1 
ATOM   754 C CA  . GLN A 1 103 ? 5.505   2.150   2.746   1.00 16.02  ? 103 GLN A CA  1 
ATOM   755 C C   . GLN A 1 103 ? 4.782   3.088   3.669   1.00 14.81  ? 103 GLN A C   1 
ATOM   756 O O   . GLN A 1 103 ? 4.311   4.170   3.278   1.00 18.10  ? 103 GLN A O   1 
ATOM   757 C CB  . GLN A 1 103 ? 7.013   2.440   2.966   1.00 14.60  ? 103 GLN A CB  1 
ATOM   758 C CG  . GLN A 1 103 ? 7.901   1.857   1.868   1.00 12.20  ? 103 GLN A CG  1 
ATOM   759 C CD  . GLN A 1 103 ? 9.347   2.258   2.004   1.00 22.47  ? 103 GLN A CD  1 
ATOM   760 O OE1 . GLN A 1 103 ? 9.699   3.420   1.814   1.00 33.63  ? 103 GLN A OE1 1 
ATOM   761 N NE2 . GLN A 1 103 ? 10.178  1.284   2.345   1.00 22.30  ? 103 GLN A NE2 1 
ATOM   762 N N   . THR A 1 104 ? 4.731   2.672   4.917   1.00 14.80  ? 104 THR A N   1 
ATOM   763 C CA  . THR A 1 104 ? 4.185   3.504   5.972   1.00 16.14  ? 104 THR A CA  1 
ATOM   764 C C   . THR A 1 104 ? 5.261   3.604   7.039   1.00 24.10  ? 104 THR A C   1 
ATOM   765 O O   . THR A 1 104 ? 5.780   2.580   7.510   1.00 21.83  ? 104 THR A O   1 
ATOM   766 C CB  . THR A 1 104 ? 2.936   2.950   6.627   1.00 17.06  ? 104 THR A CB  1 
ATOM   767 O OG1 . THR A 1 104 ? 3.277   1.673   7.139   1.00 20.86  ? 104 THR A OG1 1 
ATOM   768 C CG2 . THR A 1 104 ? 1.783   2.880   5.614   1.00 15.56  ? 104 THR A CG2 1 
ATOM   769 N N   . LYS A 1 105 ? 5.616   4.836   7.356   1.00 22.27  ? 105 LYS A N   1 
ATOM   770 C CA  . LYS A 1 105 ? 6.609   5.144   8.381   1.00 20.94  ? 105 LYS A CA  1 
ATOM   771 C C   . LYS A 1 105 ? 5.868   5.562   9.647   1.00 24.99  ? 105 LYS A C   1 
ATOM   772 O O   . LYS A 1 105 ? 5.043   6.472   9.635   1.00 21.85  ? 105 LYS A O   1 
ATOM   773 C CB  . LYS A 1 105 ? 7.555   6.218   7.874   1.00 22.77  ? 105 LYS A CB  1 
ATOM   774 C CG  . LYS A 1 105 ? 8.244   6.925   8.993   1.00 47.26  ? 105 LYS A CG  1 
ATOM   775 C CD  . LYS A 1 105 ? 9.709   6.571   9.073   1.00 77.16  ? 105 LYS A CD  1 
ATOM   776 C CE  . LYS A 1 105 ? 9.976   5.527   10.130  1.00 100.00 ? 105 LYS A CE  1 
ATOM   777 N NZ  . LYS A 1 105 ? 8.913   5.480   11.146  1.00 100.00 ? 105 LYS A NZ  1 
ATOM   778 N N   . ILE A 1 106 ? 6.115   4.832   10.709  1.00 19.29  ? 106 ILE A N   1 
ATOM   779 C CA  . ILE A 1 106 ? 5.457   5.010   11.977  1.00 16.67  ? 106 ILE A CA  1 
ATOM   780 C C   . ILE A 1 106 ? 6.256   5.878   12.903  1.00 19.31  ? 106 ILE A C   1 
ATOM   781 O O   . ILE A 1 106 ? 7.416   5.620   13.153  1.00 42.63  ? 106 ILE A O   1 
ATOM   782 C CB  . ILE A 1 106 ? 5.199   3.642   12.627  1.00 31.10  ? 106 ILE A CB  1 
ATOM   783 C CG1 . ILE A 1 106 ? 4.216   2.844   11.781  1.00 27.13  ? 106 ILE A CG1 1 
ATOM   784 C CG2 . ILE A 1 106 ? 4.616   3.808   14.019  1.00 28.03  ? 106 ILE A CG2 1 
ATOM   785 C CD1 . ILE A 1 106 ? 4.765   1.493   11.364  1.00 44.86  ? 106 ILE A CD1 1 
ATOM   786 N N   . TRP A 1 107 ? 5.628   6.908   13.434  1.00 21.42  ? 107 TRP A N   1 
ATOM   787 C CA  . TRP A 1 107 ? 6.291   7.833   14.333  1.00 17.61  ? 107 TRP A CA  1 
ATOM   788 C C   . TRP A 1 107 ? 6.033   7.425   15.759  1.00 26.71  ? 107 TRP A C   1 
ATOM   789 O O   . TRP A 1 107 ? 4.976   7.696   16.319  1.00 49.57  ? 107 TRP A O   1 
ATOM   790 C CB  . TRP A 1 107 ? 5.878   9.301   14.106  1.00 11.43  ? 107 TRP A CB  1 
ATOM   791 C CG  . TRP A 1 107 ? 5.975   9.635   12.640  1.00 28.96  ? 107 TRP A CG  1 
ATOM   792 C CD1 . TRP A 1 107 ? 4.988   9.694   11.712  1.00 15.99  ? 107 TRP A CD1 1 
ATOM   793 C CD2 . TRP A 1 107 ? 7.167   9.880   11.953  1.00 23.08  ? 107 TRP A CD2 1 
ATOM   794 N NE1 . TRP A 1 107 ? 5.499   9.935   10.475  1.00 16.90  ? 107 TRP A NE1 1 
ATOM   795 C CE2 . TRP A 1 107 ? 6.843   10.059  10.593  1.00 22.65  ? 107 TRP A CE2 1 
ATOM   796 C CE3 . TRP A 1 107 ? 8.491   9.900   12.371  1.00 33.44  ? 107 TRP A CE3 1 
ATOM   797 C CZ2 . TRP A 1 107 ? 7.819   10.331  9.646   1.00 25.19  ? 107 TRP A CZ2 1 
ATOM   798 C CZ3 . TRP A 1 107 ? 9.456   10.166  11.440  1.00 21.98  ? 107 TRP A CZ3 1 
ATOM   799 C CH2 . TRP A 1 107 ? 9.120   10.397  10.091  1.00 25.83  ? 107 TRP A CH2 1 
ATOM   800 N N   . ARG A 1 108 ? 7.010   6.763   16.339  1.00 43.68  ? 108 ARG A N   1 
ATOM   801 C CA  . ARG A 1 108 ? 6.874   6.317   17.709  1.00 100.00 ? 108 ARG A CA  1 
ATOM   802 C C   . ARG A 1 108 ? 7.067   7.403   18.754  1.00 74.02  ? 108 ARG A C   1 
ATOM   803 O O   . ARG A 1 108 ? 7.703   8.424   18.403  1.00 90.08  ? 108 ARG A O   1 
ATOM   804 C CB  . ARG A 1 108 ? 7.702   5.080   17.991  1.00 35.18  ? 108 ARG A CB  1 
ATOM   805 C CG  . ARG A 1 108 ? 6.987   3.823   17.489  1.00 40.19  ? 108 ARG A CG  1 
ATOM   806 C CD  . ARG A 1 108 ? 7.757   2.539   17.749  1.00 100.00 ? 108 ARG A CD  1 
ATOM   807 N NE  . ARG A 1 108 ? 6.973   1.461   18.369  1.00 100.00 ? 108 ARG A NE  1 
ATOM   808 C CZ  . ARG A 1 108 ? 7.025   0.162   17.991  1.00 100.00 ? 108 ARG A CZ  1 
ATOM   809 N NH1 . ARG A 1 108 ? 7.794   -0.270  16.980  1.00 100.00 ? 108 ARG A NH1 1 
ATOM   810 N NH2 . ARG A 1 108 ? 6.270   -0.736  18.648  1.00 100.00 ? 108 ARG A NH2 1 
ATOM   811 O OXT . ARG A 1 108 ? 6.554   7.228   19.892  1.00 100.00 ? 108 ARG A OXT 1 
HETATM 812 O O   . HOH B 2 .   ? -9.672  -0.899  -8.537  1.00 34.61  ? 109 HOH A O   1 
HETATM 813 O O   . HOH B 2 .   ? -1.347  -7.507  -7.684  1.00 32.18  ? 110 HOH A O   1 
HETATM 814 O O   . HOH B 2 .   ? 1.086   -15.532 -5.877  1.00 77.66  ? 111 HOH A O   1 
HETATM 815 O O   . HOH B 2 .   ? -0.217  -7.834  5.137   1.00 30.71  ? 112 HOH A O   1 
HETATM 816 O O   . HOH B 2 .   ? 2.815   -10.233 4.744   1.00 20.81  ? 113 HOH A O   1 
HETATM 817 O O   . HOH B 2 .   ? 2.266   -12.322 -11.301 1.00 27.61  ? 114 HOH A O   1 
HETATM 818 O O   . HOH B 2 .   ? -8.560  -1.079  0.243   1.00 25.68  ? 115 HOH A O   1 
HETATM 819 O O   . HOH B 2 .   ? -7.495  -3.415  2.053   1.00 22.68  ? 116 HOH A O   1 
HETATM 820 O O   . HOH B 2 .   ? -6.898  -5.100  5.106   1.00 25.96  ? 117 HOH A O   1 
HETATM 821 O O   . HOH B 2 .   ? -9.396  -4.030  4.639   1.00 59.52  ? 118 HOH A O   1 
HETATM 822 O O   . HOH B 2 .   ? -8.273  -7.090  2.868   1.00 56.61  ? 119 HOH A O   1 
HETATM 823 O O   . HOH B 2 .   ? -7.018  -10.840 3.886   1.00 51.58  ? 120 HOH A O   1 
HETATM 824 O O   . HOH B 2 .   ? 6.419   12.508  7.845   1.00 21.60  ? 121 HOH A O   1 
HETATM 825 O O   . HOH B 2 .   ? -1.159  9.353   11.346  1.00 22.17  ? 122 HOH A O   1 
HETATM 826 O O   . HOH B 2 .   ? 0.532   10.239  5.361   1.00 29.89  ? 123 HOH A O   1 
HETATM 827 O O   . HOH B 2 .   ? -8.610  -6.073  11.781  1.00 41.76  ? 124 HOH A O   1 
HETATM 828 O O   . HOH B 2 .   ? 0.133   -10.641 4.147   1.00 35.22  ? 125 HOH A O   1 
HETATM 829 O O   . HOH B 2 .   ? 10.477  -6.104  2.746   1.00 47.45  ? 126 HOH A O   1 
HETATM 830 O O   . HOH B 2 .   ? 13.545  0.904   1.987   1.00 57.42  ? 127 HOH A O   1 
HETATM 831 O O   . HOH B 2 .   ? 1.451   6.112   21.338  1.00 72.96  ? 128 HOH A O   1 
HETATM 832 O O   . HOH B 2 .   ? 4.888   4.819   21.233  1.00 63.52  ? 129 HOH A O   1 
HETATM 833 O O   . HOH B 2 .   ? -2.261  8.088   2.956   1.00 21.90  ? 130 HOH A O   1 
HETATM 834 O O   . HOH B 2 .   ? 10.804  -2.189  -5.280  1.00 32.34  ? 131 HOH A O   1 
HETATM 835 O O   . HOH B 2 .   ? 13.015  -3.692  3.541   1.00 46.88  ? 132 HOH A O   1 
HETATM 836 O O   . HOH B 2 .   ? -11.639 8.872   -14.642 1.00 87.22  ? 133 HOH A O   1 
HETATM 837 O O   . HOH B 2 .   ? 7.570   5.969   -11.189 1.00 68.06  ? 134 HOH A O   1 
HETATM 838 O O   . HOH B 2 .   ? 3.387   -9.849  -1.819  1.00 40.64  ? 135 HOH A O   1 
HETATM 839 O O   . HOH B 2 .   ? -2.811  -9.101  -11.375 1.00 56.93  ? 136 HOH A O   1 
HETATM 840 O O   . HOH B 2 .   ? -11.582 11.425  -8.658  1.00 51.34  ? 137 HOH A O   1 
HETATM 841 O O   . HOH B 2 .   ? -5.203  6.890   8.468   1.00 26.12  ? 138 HOH A O   1 
HETATM 842 O O   . HOH B 2 .   ? 1.141   6.266   -12.062 1.00 64.27  ? 139 HOH A O   1 
HETATM 843 O O   . HOH B 2 .   ? 8.878   0.561   -6.279  1.00 57.09  ? 140 HOH A O   1 
HETATM 844 O O   . HOH B 2 .   ? -13.641 0.075   -13.005 1.00 72.48  ? 141 HOH A O   1 
HETATM 845 O O   . HOH B 2 .   ? -11.392 5.560   -11.866 1.00 80.81  ? 142 HOH A O   1 
HETATM 846 O O   . HOH B 2 .   ? 11.078  -4.321  17.010  1.00 68.27  ? 143 HOH A O   1 
HETATM 847 O O   . HOH B 2 .   ? -0.248  11.533  11.018  1.00 88.91  ? 144 HOH A O   1 
HETATM 848 O O   . HOH B 2 .   ? -1.265  9.307   7.812   1.00 54.30  ? 145 HOH A O   1 
HETATM 849 O O   . HOH B 2 .   ? 11.307  7.728   2.408   1.00 54.95  ? 146 HOH A O   1 
HETATM 850 O O   . HOH B 2 .   ? 9.877   4.537   -8.857  1.00 63.85  ? 147 HOH A O   1 
HETATM 851 O O   . HOH B 2 .   ? 6.728   13.401  14.811  1.00 49.90  ? 148 HOH A O   1 
# 
